data_8AX3
#
_entry.id   8AX3
#
_cell.length_a   52.920
_cell.length_b   155.984
_cell.length_c   68.036
_cell.angle_alpha   90.000
_cell.angle_beta   101.964
_cell.angle_gamma   90.000
#
_symmetry.space_group_name_H-M   'P 1 21 1'
#
loop_
_entity.id
_entity.type
_entity.pdbx_description
1 polymer 'Lysosomal acid glucosylceramidase'
2 branched beta-D-mannopyranose-(1-4)-2-acetamido-2-deoxy-beta-D-glucopyranose-(1-4)-2-acetamido-2-deoxy-beta-D-glucopyranose
3 branched 2-acetamido-2-deoxy-beta-D-glucopyranose-(1-4)-2-acetamido-2-deoxy-beta-D-glucopyranose
4 non-polymer 'SULFATE ION'
5 non-polymer 1,2-ETHANEDIOL
6 non-polymer 2-acetamido-2-deoxy-beta-D-glucopyranose
7 non-polymer (1~{S},2~{R},3~{S},6~{S})-6-fluoranylcyclohex-4-ene-1,2,3-triol
8 non-polymer 'SODIUM ION'
9 non-polymer GLYCEROL
10 non-polymer 'CALCIUM ION'
11 water water
#
_entity_poly.entity_id   1
_entity_poly.type   'polypeptide(L)'
_entity_poly.pdbx_seq_one_letter_code
;ARPCIPKSFGYSSVVCVCNATYCDSFDPPTFPALGTFSRYESTRSGRRMELSMGPIQANHTGTGLLLTLQPEQKFQKVKG
FGGAMTDAAALNILALSPPAQNLLLKSYFSEEGIGYNIIRVPMASCDFSIRTYTYADTPDDFQLHNFSLPEEDTKLKIPL
IHRALQLAQRPVSLLASPWTSPTWLKTNGAVNGKGSLKGQPGDIYHQTWARYFVKFLDAYAEHKLQFWAVTAENEPSAGL
LSGYPFQCLGFTPEHQRDFIARDLGPTLANSTHHNVRLLMLDDQRLLLPHWAKVVLTDPEAAKYVHGIAVHWYLDFLAPA
KATLGETHRLFPNTMLFASEACVGSKFWEQSVRLGSWDRGMQYSHSIITNLLYHVVGWTDWNLALNPEGGPNWVRNFVDS
PIIVDITKDTFYKQPMFYHLGHFSKFIPEGSQRVGLVASQKNDLDAVALMHPDGSAVVVVLNRSSKDVPLTIKDPAVGFL
ETISPGYSIHTYLWRRQ
;
_entity_poly.pdbx_strand_id   A,B
#
# COMPACT_ATOMS: atom_id res chain seq x y z
N ALA A 1 22.77 38.58 -0.62
CA ALA A 1 21.53 37.74 -0.57
C ALA A 1 20.37 38.51 -1.19
N ARG A 2 19.37 37.78 -1.70
CA ARG A 2 18.07 38.35 -2.15
C ARG A 2 16.96 37.61 -1.42
N PRO A 3 16.04 38.35 -0.78
CA PRO A 3 14.93 37.74 -0.05
C PRO A 3 13.85 37.13 -0.97
N CYS A 4 13.13 36.17 -0.41
CA CYS A 4 11.84 35.65 -0.92
C CYS A 4 10.92 36.81 -1.28
N ILE A 5 10.47 36.85 -2.53
N ILE A 5 10.44 36.83 -2.52
CA ILE A 5 9.27 37.63 -2.95
CA ILE A 5 9.26 37.63 -2.93
C ILE A 5 8.04 36.73 -2.78
C ILE A 5 8.02 36.75 -2.80
N PRO A 6 7.23 36.94 -1.72
CA PRO A 6 6.17 36.01 -1.39
C PRO A 6 4.94 36.24 -2.27
N LYS A 7 4.20 35.16 -2.50
CA LYS A 7 2.88 35.22 -3.13
C LYS A 7 2.01 34.14 -2.52
N SER A 8 0.79 34.50 -2.14
CA SER A 8 -0.23 33.56 -1.63
C SER A 8 -1.15 33.12 -2.76
N PHE A 9 -1.50 31.84 -2.74
CA PHE A 9 -2.47 31.23 -3.67
C PHE A 9 -3.67 30.70 -2.87
N GLY A 10 -3.83 31.17 -1.63
CA GLY A 10 -4.96 30.79 -0.75
C GLY A 10 -4.71 29.51 0.04
N TYR A 11 -3.48 29.00 0.06
CA TYR A 11 -3.09 27.83 0.91
C TYR A 11 -2.43 28.37 2.18
N SER A 12 -1.89 27.50 3.03
CA SER A 12 -1.51 27.84 4.42
C SER A 12 -0.26 28.74 4.46
N SER A 13 0.55 28.77 3.42
CA SER A 13 1.77 29.62 3.37
C SER A 13 1.97 30.16 1.95
N VAL A 14 3.09 30.85 1.76
CA VAL A 14 3.41 31.56 0.50
C VAL A 14 4.42 30.73 -0.30
N VAL A 15 4.45 30.96 -1.61
CA VAL A 15 5.58 30.56 -2.48
C VAL A 15 6.53 31.75 -2.59
N CYS A 16 7.77 31.48 -2.96
CA CYS A 16 8.74 32.51 -3.39
C CYS A 16 8.75 32.57 -4.92
N VAL A 17 8.57 33.76 -5.46
CA VAL A 17 8.41 34.03 -6.92
C VAL A 17 9.78 34.38 -7.50
N CYS A 18 10.17 33.66 -8.54
CA CYS A 18 11.42 33.86 -9.28
C CYS A 18 11.09 34.00 -10.76
N ASN A 19 11.96 34.66 -11.49
CA ASN A 19 11.74 34.91 -12.94
C ASN A 19 13.11 35.15 -13.57
N ALA A 20 13.16 35.75 -14.75
CA ALA A 20 14.40 35.88 -15.55
C ALA A 20 15.43 36.72 -14.78
N THR A 21 15.00 37.70 -13.97
CA THR A 21 15.89 38.76 -13.39
C THR A 21 16.03 38.61 -11.87
N TYR A 22 15.11 37.91 -11.21
CA TYR A 22 15.04 37.84 -9.73
C TYR A 22 14.80 36.41 -9.25
N CYS A 23 15.60 36.00 -8.27
CA CYS A 23 15.31 34.81 -7.44
C CYS A 23 15.95 35.01 -6.06
N ASP A 24 15.29 34.54 -5.02
CA ASP A 24 15.88 34.56 -3.65
C ASP A 24 17.12 33.67 -3.64
N SER A 25 18.14 34.09 -2.91
CA SER A 25 19.48 33.45 -2.88
C SER A 25 20.13 33.70 -1.52
N PHE A 26 21.21 33.00 -1.26
CA PHE A 26 22.06 33.14 -0.05
C PHE A 26 23.37 33.82 -0.48
N ASP A 27 24.02 34.44 0.49
CA ASP A 27 25.45 34.83 0.38
C ASP A 27 26.30 33.57 0.45
N PRO A 28 27.59 33.65 0.07
CA PRO A 28 28.50 32.51 0.20
C PRO A 28 28.49 31.95 1.61
N PRO A 29 28.43 30.61 1.78
CA PRO A 29 28.33 29.99 3.10
C PRO A 29 29.69 30.05 3.82
N THR A 30 29.62 30.41 5.09
CA THR A 30 30.76 30.49 6.04
C THR A 30 30.22 30.07 7.41
N PHE A 31 31.08 29.55 8.28
CA PHE A 31 30.80 29.43 9.73
C PHE A 31 31.08 30.77 10.39
N PRO A 32 30.24 31.22 11.35
CA PRO A 32 30.60 32.32 12.23
C PRO A 32 31.73 31.88 13.18
N ALA A 33 32.24 32.83 13.98
CA ALA A 33 33.39 32.61 14.88
C ALA A 33 33.03 31.50 15.87
N LEU A 34 34.04 30.77 16.35
CA LEU A 34 33.92 29.83 17.49
C LEU A 34 33.26 30.58 18.65
N GLY A 35 32.23 29.98 19.25
CA GLY A 35 31.43 30.56 20.35
C GLY A 35 30.15 31.22 19.86
N THR A 36 29.93 31.24 18.54
CA THR A 36 28.71 31.80 17.88
C THR A 36 28.06 30.69 17.04
N PHE A 37 26.73 30.65 17.01
CA PHE A 37 25.98 29.69 16.16
C PHE A 37 25.22 30.48 15.08
N SER A 38 24.96 29.83 13.94
CA SER A 38 24.04 30.31 12.88
C SER A 38 22.71 29.60 13.05
N ARG A 39 21.60 30.32 12.90
CA ARG A 39 20.23 29.76 12.85
C ARG A 39 19.62 30.13 11.51
N TYR A 40 19.15 29.15 10.75
CA TYR A 40 18.31 29.40 9.56
C TYR A 40 16.89 29.01 9.93
N GLU A 41 15.96 29.91 9.71
CA GLU A 41 14.55 29.79 10.14
C GLU A 41 13.61 29.92 8.95
N SER A 42 12.73 28.95 8.76
CA SER A 42 11.54 29.08 7.90
C SER A 42 10.28 28.94 8.74
N THR A 43 9.25 29.72 8.43
CA THR A 43 7.97 29.69 9.19
C THR A 43 6.81 29.66 8.21
N ARG A 44 5.68 29.10 8.64
CA ARG A 44 4.42 29.15 7.86
C ARG A 44 4.06 30.63 7.62
N SER A 45 4.34 31.50 8.60
CA SER A 45 4.06 32.96 8.55
C SER A 45 4.85 33.66 7.42
N GLY A 46 5.94 33.08 6.90
CA GLY A 46 6.57 33.56 5.64
C GLY A 46 8.07 33.69 5.67
N ARG A 47 8.73 33.44 6.81
CA ARG A 47 10.22 33.47 6.86
C ARG A 47 10.73 32.30 6.00
N ARG A 48 11.82 32.51 5.27
CA ARG A 48 12.37 31.53 4.31
C ARG A 48 13.88 31.47 4.49
N MET A 49 14.32 30.48 5.28
CA MET A 49 15.73 30.21 5.61
C MET A 49 16.44 31.53 5.89
N GLU A 50 15.83 32.31 6.80
CA GLU A 50 16.36 33.62 7.28
C GLU A 50 17.50 33.31 8.24
N LEU A 51 18.61 34.01 8.11
CA LEU A 51 19.84 33.81 8.90
C LEU A 51 19.84 34.75 10.11
N SER A 52 20.07 34.18 11.28
CA SER A 52 20.32 34.92 12.53
C SER A 52 21.48 34.26 13.25
N MET A 53 22.12 34.97 14.16
CA MET A 53 23.27 34.43 14.94
C MET A 53 23.04 34.68 16.43
N GLY A 54 23.57 33.78 17.24
CA GLY A 54 23.46 33.83 18.71
C GLY A 54 24.75 33.36 19.38
N PRO A 55 24.88 33.62 20.68
CA PRO A 55 26.06 33.24 21.43
C PRO A 55 25.93 31.81 21.96
N ILE A 56 27.04 31.09 21.97
CA ILE A 56 27.15 29.80 22.71
C ILE A 56 27.72 30.12 24.09
N GLN A 57 26.95 29.79 25.13
CA GLN A 57 27.24 30.19 26.52
C GLN A 57 27.75 29.00 27.33
N ALA A 58 28.62 29.28 28.29
CA ALA A 58 29.33 28.30 29.13
C ALA A 58 28.34 27.54 30.02
N ASN A 59 27.24 28.18 30.46
CA ASN A 59 26.33 27.65 31.51
C ASN A 59 24.87 27.72 31.06
N HIS A 60 24.02 26.96 31.73
CA HIS A 60 22.55 26.94 31.51
C HIS A 60 21.88 26.49 32.81
N THR A 61 20.79 27.14 33.20
CA THR A 61 19.91 26.70 34.30
C THR A 61 18.46 26.76 33.84
N GLY A 62 17.63 25.82 34.28
CA GLY A 62 16.17 25.85 34.09
C GLY A 62 15.59 24.46 33.97
N THR A 63 14.26 24.35 33.99
CA THR A 63 13.50 23.09 33.88
C THR A 63 12.98 22.90 32.45
N GLY A 64 13.27 23.84 31.55
CA GLY A 64 12.78 23.81 30.16
C GLY A 64 13.41 22.65 29.38
N LEU A 65 12.92 22.41 28.17
CA LEU A 65 13.44 21.32 27.30
C LEU A 65 14.92 21.54 27.00
N LEU A 66 15.75 20.52 27.22
CA LEU A 66 17.19 20.47 26.87
C LEU A 66 17.40 19.33 25.86
N LEU A 67 18.05 19.64 24.73
CA LEU A 67 18.49 18.63 23.73
C LEU A 67 19.99 18.55 23.86
N THR A 68 20.52 17.42 24.36
CA THR A 68 21.98 17.30 24.56
C THR A 68 22.54 16.54 23.35
N LEU A 69 23.49 17.16 22.66
CA LEU A 69 24.30 16.52 21.59
C LEU A 69 25.08 15.37 22.21
N GLN A 70 25.13 14.23 21.50
CA GLN A 70 26.01 13.08 21.83
C GLN A 70 27.05 12.95 20.72
N PRO A 71 28.05 13.85 20.68
CA PRO A 71 28.97 13.88 19.54
C PRO A 71 29.77 12.59 19.36
N GLU A 72 29.99 11.87 20.47
N GLU A 72 30.03 11.81 20.41
CA GLU A 72 30.72 10.58 20.56
CA GLU A 72 30.83 10.54 20.27
C GLU A 72 29.90 9.44 19.94
C GLU A 72 29.89 9.38 19.92
N GLN A 73 28.57 9.57 19.96
CA GLN A 73 27.64 8.49 19.57
C GLN A 73 27.36 8.59 18.08
N LYS A 74 28.00 7.76 17.28
CA LYS A 74 28.09 7.88 15.80
C LYS A 74 27.13 6.89 15.14
N PHE A 75 26.38 7.34 14.13
CA PHE A 75 25.48 6.48 13.35
C PHE A 75 25.96 6.50 11.90
N GLN A 76 25.06 6.72 10.96
CA GLN A 76 25.34 6.57 9.51
C GLN A 76 26.03 7.82 8.98
N LYS A 77 26.77 7.65 7.88
CA LYS A 77 27.33 8.77 7.09
C LYS A 77 26.38 9.05 5.93
N VAL A 78 26.13 10.34 5.68
CA VAL A 78 25.19 10.81 4.63
C VAL A 78 25.84 10.72 3.25
N LYS A 79 25.07 10.24 2.29
CA LYS A 79 25.44 10.28 0.86
C LYS A 79 24.98 11.63 0.30
N GLY A 80 23.72 11.99 0.51
CA GLY A 80 23.23 13.31 0.06
C GLY A 80 21.75 13.44 -0.19
N PHE A 81 21.39 14.50 -0.93
CA PHE A 81 19.99 14.94 -1.10
C PHE A 81 19.86 15.46 -2.51
N GLY A 82 18.70 15.24 -3.08
CA GLY A 82 18.46 15.83 -4.41
C GLY A 82 17.11 15.48 -4.94
N GLY A 83 17.03 15.32 -6.26
CA GLY A 83 15.74 15.24 -6.96
C GLY A 83 15.90 14.62 -8.33
N ALA A 84 14.80 14.44 -9.05
CA ALA A 84 14.77 13.65 -10.30
C ALA A 84 14.71 14.54 -11.55
N MET A 85 15.61 14.29 -12.50
CA MET A 85 15.56 14.92 -13.84
C MET A 85 14.75 13.99 -14.76
N THR A 86 13.43 14.01 -14.58
CA THR A 86 12.46 13.31 -15.45
C THR A 86 12.32 14.08 -16.78
N ASP A 87 11.69 13.48 -17.80
CA ASP A 87 11.32 14.23 -19.02
C ASP A 87 10.47 15.45 -18.63
N ALA A 88 9.50 15.31 -17.73
CA ALA A 88 8.58 16.41 -17.36
C ALA A 88 9.38 17.54 -16.71
N ALA A 89 10.31 17.23 -15.81
CA ALA A 89 11.14 18.26 -15.13
C ALA A 89 11.96 18.99 -16.20
N ALA A 90 12.60 18.25 -17.11
CA ALA A 90 13.46 18.86 -18.15
C ALA A 90 12.63 19.77 -19.05
N LEU A 91 11.42 19.35 -19.44
CA LEU A 91 10.55 20.12 -20.36
C LEU A 91 10.14 21.43 -19.65
N ASN A 92 9.80 21.35 -18.36
CA ASN A 92 9.34 22.52 -17.58
C ASN A 92 10.51 23.49 -17.42
N ILE A 93 11.70 22.99 -17.09
CA ILE A 93 12.89 23.85 -16.87
C ILE A 93 13.24 24.52 -18.19
N LEU A 94 13.30 23.76 -19.29
CA LEU A 94 13.70 24.33 -20.61
C LEU A 94 12.60 25.22 -21.21
N ALA A 95 11.38 25.23 -20.67
CA ALA A 95 10.30 26.12 -21.16
C ALA A 95 10.50 27.55 -20.61
N LEU A 96 11.33 27.70 -19.58
CA LEU A 96 11.74 29.00 -19.02
C LEU A 96 12.77 29.61 -19.94
N SER A 97 12.90 30.93 -19.90
CA SER A 97 13.97 31.69 -20.60
C SER A 97 15.29 31.21 -20.02
N PRO A 98 16.39 31.23 -20.81
CA PRO A 98 17.70 30.83 -20.31
C PRO A 98 18.09 31.46 -18.97
N PRO A 99 17.90 32.78 -18.73
CA PRO A 99 18.26 33.35 -17.44
C PRO A 99 17.38 32.81 -16.29
N ALA A 100 16.10 32.52 -16.54
CA ALA A 100 15.20 31.94 -15.51
C ALA A 100 15.65 30.52 -15.23
N GLN A 101 16.03 29.78 -16.28
CA GLN A 101 16.57 28.39 -16.15
C GLN A 101 17.75 28.41 -15.18
N ASN A 102 18.68 29.35 -15.36
CA ASN A 102 19.93 29.36 -14.56
C ASN A 102 19.59 29.67 -13.10
N LEU A 103 18.60 30.52 -12.86
CA LEU A 103 18.18 30.86 -11.47
C LEU A 103 17.51 29.62 -10.85
N LEU A 104 16.79 28.82 -11.63
CA LEU A 104 16.16 27.59 -11.10
C LEU A 104 17.24 26.59 -10.74
N LEU A 105 18.19 26.36 -11.65
CA LEU A 105 19.28 25.37 -11.44
C LEU A 105 20.16 25.85 -10.28
N LYS A 106 20.46 27.14 -10.18
CA LYS A 106 21.27 27.69 -9.07
C LYS A 106 20.53 27.49 -7.75
N SER A 107 19.19 27.69 -7.74
CA SER A 107 18.34 27.49 -6.54
C SER A 107 18.60 26.09 -5.98
N TYR A 108 18.67 25.07 -6.86
CA TYR A 108 18.87 23.67 -6.40
C TYR A 108 20.34 23.34 -6.15
N PHE A 109 21.24 23.69 -7.07
CA PHE A 109 22.57 23.02 -7.15
C PHE A 109 23.72 23.90 -6.67
N SER A 110 23.54 25.20 -6.50
CA SER A 110 24.67 26.07 -6.11
C SER A 110 24.67 26.35 -4.60
N GLU A 111 25.78 26.86 -4.08
N GLU A 111 25.83 26.82 -4.12
CA GLU A 111 25.87 27.32 -2.67
CA GLU A 111 26.03 27.42 -2.77
C GLU A 111 25.08 28.63 -2.51
C GLU A 111 25.02 28.54 -2.54
N GLU A 112 24.70 29.30 -3.60
CA GLU A 112 23.74 30.44 -3.56
C GLU A 112 22.32 29.89 -3.30
N GLY A 113 22.12 28.59 -3.54
CA GLY A 113 20.84 27.89 -3.34
C GLY A 113 20.97 26.85 -2.23
N ILE A 114 20.41 25.65 -2.41
CA ILE A 114 20.31 24.64 -1.32
C ILE A 114 21.20 23.41 -1.59
N GLY A 115 22.14 23.48 -2.54
CA GLY A 115 23.29 22.56 -2.55
C GLY A 115 22.94 21.08 -2.77
N TYR A 116 22.00 20.78 -3.65
CA TYR A 116 21.68 19.39 -4.05
C TYR A 116 22.95 18.70 -4.53
N ASN A 117 23.12 17.43 -4.19
CA ASN A 117 24.27 16.64 -4.70
C ASN A 117 23.83 15.27 -5.21
N ILE A 118 22.52 15.05 -5.42
CA ILE A 118 21.96 13.82 -6.07
C ILE A 118 21.02 14.24 -7.21
N ILE A 119 21.18 13.61 -8.37
CA ILE A 119 20.14 13.66 -9.44
C ILE A 119 19.76 12.23 -9.77
N ARG A 120 18.49 11.91 -9.62
CA ARG A 120 17.91 10.64 -10.10
C ARG A 120 17.51 10.81 -11.57
N VAL A 121 17.92 9.86 -12.41
CA VAL A 121 17.74 9.90 -13.89
C VAL A 121 16.97 8.66 -14.30
N PRO A 122 15.72 8.80 -14.80
CA PRO A 122 15.02 7.64 -15.37
C PRO A 122 15.78 7.09 -16.58
N MET A 123 15.85 5.76 -16.66
CA MET A 123 16.36 5.02 -17.84
C MET A 123 15.17 4.89 -18.80
N ALA A 124 15.05 5.88 -19.70
CA ALA A 124 14.00 6.05 -20.71
C ALA A 124 12.71 6.52 -20.03
N SER A 125 11.54 6.14 -20.55
CA SER A 125 10.26 6.84 -20.25
C SER A 125 9.67 6.32 -18.94
N CYS A 126 8.99 7.20 -18.22
CA CYS A 126 8.09 6.84 -17.10
C CYS A 126 6.77 7.59 -17.27
N ASP A 127 5.96 7.67 -16.23
CA ASP A 127 4.66 8.41 -16.30
C ASP A 127 4.96 9.89 -16.56
N PHE A 128 6.06 10.41 -16.00
CA PHE A 128 6.49 11.83 -16.15
C PHE A 128 7.28 11.96 -17.44
N SER A 129 6.64 11.47 -18.51
CA SER A 129 7.09 11.57 -19.91
C SER A 129 5.85 11.90 -20.75
N ILE A 130 6.05 12.47 -21.94
CA ILE A 130 4.92 12.78 -22.88
C ILE A 130 4.89 11.74 -24.00
N ARG A 131 5.91 10.89 -24.08
CA ARG A 131 6.11 9.85 -25.13
C ARG A 131 6.48 8.53 -24.43
N THR A 132 5.92 7.41 -24.86
CA THR A 132 6.28 6.07 -24.31
C THR A 132 7.37 5.51 -25.20
N TYR A 133 8.53 5.21 -24.64
CA TYR A 133 9.71 4.76 -25.41
C TYR A 133 10.66 4.05 -24.45
N THR A 134 11.48 3.15 -25.01
CA THR A 134 12.67 2.63 -24.31
C THR A 134 13.88 2.98 -25.16
N TYR A 135 15.06 2.57 -24.74
CA TYR A 135 16.30 2.75 -25.53
C TYR A 135 16.41 1.69 -26.63
N ALA A 136 15.51 0.70 -26.69
CA ALA A 136 15.70 -0.47 -27.60
C ALA A 136 14.34 -1.03 -28.02
N ASP A 137 13.58 -0.23 -28.77
CA ASP A 137 12.18 -0.52 -29.16
C ASP A 137 12.15 -1.39 -30.43
N THR A 138 13.24 -1.45 -31.20
CA THR A 138 13.32 -2.34 -32.39
C THR A 138 13.14 -3.78 -31.92
N PRO A 139 12.05 -4.47 -32.35
CA PRO A 139 11.71 -5.78 -31.79
C PRO A 139 12.81 -6.87 -31.90
N ASP A 140 12.97 -7.65 -30.82
CA ASP A 140 13.82 -8.87 -30.76
C ASP A 140 15.29 -8.53 -31.07
N ASP A 141 15.74 -7.32 -30.72
CA ASP A 141 17.14 -6.87 -30.85
C ASP A 141 17.96 -7.35 -29.63
N PHE A 142 18.12 -8.67 -29.45
CA PHE A 142 18.80 -9.25 -28.26
C PHE A 142 20.26 -8.83 -28.24
N GLN A 143 20.85 -8.53 -29.41
CA GLN A 143 22.24 -8.01 -29.55
C GLN A 143 22.29 -6.52 -29.13
N LEU A 144 21.14 -5.84 -29.04
CA LEU A 144 21.03 -4.39 -28.68
C LEU A 144 21.84 -3.54 -29.67
N HIS A 145 21.80 -3.92 -30.95
CA HIS A 145 22.41 -3.17 -32.08
C HIS A 145 21.68 -1.83 -32.26
N ASN A 146 20.37 -1.76 -31.97
CA ASN A 146 19.55 -0.55 -32.21
C ASN A 146 19.31 0.18 -30.88
N PHE A 147 20.13 -0.08 -29.87
CA PHE A 147 20.09 0.69 -28.60
C PHE A 147 20.56 2.11 -28.88
N SER A 148 19.79 3.12 -28.49
CA SER A 148 20.26 4.52 -28.58
C SER A 148 19.45 5.44 -27.68
N LEU A 149 20.10 6.51 -27.27
CA LEU A 149 19.46 7.62 -26.53
C LEU A 149 18.72 8.50 -27.51
N PRO A 150 17.41 8.76 -27.27
CA PRO A 150 16.68 9.72 -28.07
C PRO A 150 16.91 11.14 -27.55
N GLU A 151 16.23 12.11 -28.17
CA GLU A 151 16.42 13.54 -27.86
C GLU A 151 16.02 13.83 -26.42
N GLU A 152 15.08 13.08 -25.84
CA GLU A 152 14.69 13.32 -24.42
C GLU A 152 15.95 13.30 -23.57
N ASP A 153 16.92 12.43 -23.88
CA ASP A 153 18.24 12.38 -23.20
C ASP A 153 19.19 13.41 -23.81
N THR A 154 19.42 13.34 -25.11
CA THR A 154 20.57 14.03 -25.74
C THR A 154 20.32 15.53 -25.83
N LYS A 155 19.07 15.97 -25.92
CA LYS A 155 18.75 17.41 -26.04
C LYS A 155 18.18 18.00 -24.74
N LEU A 156 17.53 17.20 -23.87
CA LEU A 156 16.85 17.76 -22.66
C LEU A 156 17.63 17.39 -21.40
N LYS A 157 17.62 16.11 -21.03
CA LYS A 157 18.14 15.65 -19.70
C LYS A 157 19.66 15.85 -19.60
N ILE A 158 20.41 15.41 -20.58
CA ILE A 158 21.91 15.43 -20.50
C ILE A 158 22.43 16.88 -20.44
N PRO A 159 22.02 17.80 -21.34
CA PRO A 159 22.49 19.20 -21.22
C PRO A 159 22.14 19.90 -19.91
N LEU A 160 20.97 19.61 -19.34
CA LEU A 160 20.56 20.15 -18.02
C LEU A 160 21.43 19.53 -16.93
N ILE A 161 21.73 18.24 -16.98
CA ILE A 161 22.57 17.60 -15.94
C ILE A 161 23.96 18.24 -16.01
N HIS A 162 24.55 18.43 -17.19
CA HIS A 162 25.86 19.12 -17.31
C HIS A 162 25.77 20.49 -16.61
N ARG A 163 24.73 21.27 -16.90
CA ARG A 163 24.59 22.65 -16.35
C ARG A 163 24.47 22.57 -14.81
N ALA A 164 23.69 21.65 -14.24
CA ALA A 164 23.60 21.44 -12.77
C ALA A 164 25.00 21.16 -12.19
N LEU A 165 25.76 20.27 -12.80
CA LEU A 165 27.10 19.88 -12.31
C LEU A 165 28.05 21.08 -12.39
N GLN A 166 27.91 21.93 -13.42
CA GLN A 166 28.77 23.14 -13.57
C GLN A 166 28.47 24.17 -12.47
N LEU A 167 27.24 24.17 -11.92
CA LEU A 167 26.79 25.14 -10.89
C LEU A 167 27.16 24.67 -9.46
N ALA A 168 27.51 23.40 -9.27
CA ALA A 168 27.71 22.78 -7.94
C ALA A 168 29.17 22.94 -7.46
N GLN A 169 29.38 23.09 -6.16
CA GLN A 169 30.71 23.08 -5.50
C GLN A 169 31.03 21.68 -4.96
N ARG A 170 29.99 20.98 -4.48
N ARG A 170 30.03 20.97 -4.45
N ARG A 170 30.01 20.97 -4.47
CA ARG A 170 30.02 19.58 -3.99
CA ARG A 170 30.20 19.57 -3.96
CA ARG A 170 30.15 19.57 -3.98
C ARG A 170 29.88 18.64 -5.18
C ARG A 170 29.85 18.62 -5.09
C ARG A 170 29.86 18.62 -5.15
N PRO A 171 30.59 17.49 -5.22
CA PRO A 171 30.40 16.53 -6.30
C PRO A 171 28.94 16.08 -6.33
N VAL A 172 28.34 16.02 -7.51
CA VAL A 172 26.93 15.55 -7.70
C VAL A 172 26.99 14.07 -8.10
N SER A 173 26.18 13.26 -7.43
CA SER A 173 26.04 11.81 -7.70
C SER A 173 24.77 11.57 -8.53
N LEU A 174 24.92 10.92 -9.68
CA LEU A 174 23.78 10.52 -10.54
C LEU A 174 23.35 9.10 -10.16
N LEU A 175 22.04 8.89 -10.06
CA LEU A 175 21.42 7.61 -9.73
C LEU A 175 20.44 7.28 -10.86
N ALA A 176 20.63 6.15 -11.53
CA ALA A 176 19.77 5.72 -12.65
C ALA A 176 18.78 4.66 -12.17
N SER A 177 17.55 4.74 -12.65
CA SER A 177 16.45 3.79 -12.37
C SER A 177 15.64 3.55 -13.63
N PRO A 178 15.37 2.28 -14.02
CA PRO A 178 14.42 1.99 -15.10
C PRO A 178 13.00 1.74 -14.58
N TRP A 179 12.00 2.14 -15.36
CA TRP A 179 10.58 1.79 -15.13
C TRP A 179 10.24 0.54 -15.95
N THR A 180 10.46 0.57 -17.26
CA THR A 180 10.15 -0.59 -18.14
C THR A 180 11.37 -0.98 -18.96
N SER A 181 11.45 -2.26 -19.27
CA SER A 181 12.29 -2.83 -20.36
C SER A 181 11.55 -2.63 -21.67
N PRO A 182 12.26 -2.79 -22.80
CA PRO A 182 11.59 -3.04 -24.07
C PRO A 182 10.48 -4.08 -23.90
N THR A 183 9.38 -3.87 -24.59
CA THR A 183 8.16 -4.71 -24.47
C THR A 183 8.43 -6.14 -24.95
N TRP A 184 9.38 -6.32 -25.88
CA TRP A 184 9.68 -7.65 -26.47
C TRP A 184 10.47 -8.50 -25.46
N LEU A 185 10.89 -7.94 -24.32
CA LEU A 185 11.51 -8.73 -23.24
C LEU A 185 10.45 -9.11 -22.19
N LYS A 186 9.20 -8.70 -22.36
CA LYS A 186 8.17 -8.75 -21.30
C LYS A 186 7.08 -9.76 -21.63
N THR A 187 6.56 -10.41 -20.58
CA THR A 187 5.52 -11.46 -20.66
C THR A 187 4.26 -10.90 -21.32
N ASN A 188 3.94 -9.62 -21.10
CA ASN A 188 2.64 -9.02 -21.48
C ASN A 188 2.82 -8.20 -22.76
N GLY A 189 4.06 -7.97 -23.21
CA GLY A 189 4.33 -7.20 -24.44
C GLY A 189 3.81 -5.78 -24.39
N ALA A 190 3.85 -5.14 -23.22
CA ALA A 190 3.39 -3.74 -23.03
C ALA A 190 4.27 -3.07 -21.97
N VAL A 191 4.36 -1.74 -22.03
CA VAL A 191 5.24 -0.94 -21.12
C VAL A 191 4.62 -0.96 -19.73
N ASN A 192 3.30 -1.12 -19.65
CA ASN A 192 2.53 -1.05 -18.39
C ASN A 192 1.82 -2.39 -18.15
N GLY A 193 0.88 -2.43 -17.21
CA GLY A 193 0.13 -3.63 -16.87
C GLY A 193 0.96 -4.63 -16.08
N LYS A 194 0.34 -5.73 -15.67
CA LYS A 194 1.02 -6.81 -14.92
C LYS A 194 1.92 -7.55 -15.90
N GLY A 195 3.21 -7.59 -15.61
CA GLY A 195 4.19 -8.13 -16.55
C GLY A 195 5.59 -8.12 -15.98
N SER A 196 6.36 -9.17 -16.26
CA SER A 196 7.76 -9.36 -15.83
C SER A 196 8.62 -9.61 -17.07
N LEU A 197 9.94 -9.69 -16.89
CA LEU A 197 10.80 -10.25 -17.96
C LEU A 197 10.28 -11.66 -18.26
N LYS A 198 10.36 -12.05 -19.53
CA LYS A 198 10.09 -13.45 -19.95
C LYS A 198 11.16 -14.37 -19.34
N GLY A 199 10.84 -15.66 -19.24
CA GLY A 199 11.82 -16.70 -18.87
C GLY A 199 12.20 -16.57 -17.42
N GLN A 200 13.48 -16.72 -17.11
CA GLN A 200 13.99 -16.74 -15.72
C GLN A 200 15.39 -16.17 -15.71
N PRO A 201 15.82 -15.58 -14.56
CA PRO A 201 17.21 -15.18 -14.39
C PRO A 201 18.23 -16.20 -14.92
N GLY A 202 19.22 -15.67 -15.64
CA GLY A 202 20.34 -16.42 -16.25
C GLY A 202 20.09 -16.72 -17.71
N ASP A 203 18.91 -16.41 -18.24
CA ASP A 203 18.54 -16.74 -19.64
C ASP A 203 18.77 -15.54 -20.55
N ILE A 204 18.48 -15.68 -21.85
CA ILE A 204 18.75 -14.63 -22.87
C ILE A 204 18.00 -13.34 -22.51
N TYR A 205 16.75 -13.44 -22.04
CA TYR A 205 15.94 -12.23 -21.76
C TYR A 205 16.61 -11.44 -20.65
N HIS A 206 17.05 -12.13 -19.60
CA HIS A 206 17.65 -11.48 -18.41
C HIS A 206 19.06 -10.97 -18.76
N GLN A 207 19.82 -11.72 -19.55
CA GLN A 207 21.17 -11.31 -19.99
C GLN A 207 21.06 -10.04 -20.83
N THR A 208 20.06 -9.97 -21.72
CA THR A 208 19.83 -8.79 -22.59
C THR A 208 19.49 -7.59 -21.70
N TRP A 209 18.59 -7.78 -20.75
CA TRP A 209 18.14 -6.69 -19.86
C TRP A 209 19.33 -6.20 -19.04
N ALA A 210 20.16 -7.08 -18.46
CA ALA A 210 21.40 -6.65 -17.75
C ALA A 210 22.34 -5.90 -18.70
N ARG A 211 22.50 -6.35 -19.95
CA ARG A 211 23.39 -5.68 -20.92
C ARG A 211 22.86 -4.28 -21.25
N TYR A 212 21.54 -4.10 -21.24
CA TYR A 212 20.87 -2.80 -21.45
C TYR A 212 21.33 -1.77 -20.41
N PHE A 213 21.54 -2.17 -19.14
CA PHE A 213 22.07 -1.26 -18.11
C PHE A 213 23.47 -0.77 -18.53
N VAL A 214 24.31 -1.69 -18.99
CA VAL A 214 25.72 -1.36 -19.42
C VAL A 214 25.63 -0.42 -20.63
N LYS A 215 24.74 -0.69 -21.59
CA LYS A 215 24.57 0.13 -22.82
C LYS A 215 24.15 1.56 -22.42
N PHE A 216 23.22 1.69 -21.48
CA PHE A 216 22.78 3.00 -20.97
C PHE A 216 23.99 3.76 -20.38
N LEU A 217 24.73 3.12 -19.47
CA LEU A 217 25.91 3.74 -18.83
C LEU A 217 26.96 4.06 -19.89
N ASP A 218 27.16 3.16 -20.88
CA ASP A 218 28.08 3.46 -22.01
C ASP A 218 27.61 4.74 -22.71
N ALA A 219 26.31 4.85 -22.97
CA ALA A 219 25.74 6.00 -23.76
C ALA A 219 25.89 7.29 -22.96
N TYR A 220 25.63 7.28 -21.65
CA TYR A 220 25.84 8.50 -20.81
C TYR A 220 27.34 8.82 -20.72
N ALA A 221 28.23 7.83 -20.72
CA ALA A 221 29.69 8.04 -20.62
C ALA A 221 30.19 8.71 -21.90
N GLU A 222 29.62 8.39 -23.06
CA GLU A 222 29.93 9.09 -24.35
C GLU A 222 29.61 10.59 -24.24
N HIS A 223 28.59 10.96 -23.46
CA HIS A 223 28.21 12.37 -23.17
C HIS A 223 28.96 12.92 -21.94
N LYS A 224 29.96 12.20 -21.44
CA LYS A 224 30.90 12.60 -20.35
C LYS A 224 30.16 12.72 -19.00
N LEU A 225 29.16 11.88 -18.77
CA LEU A 225 28.46 11.73 -17.47
C LEU A 225 28.73 10.32 -16.94
N GLN A 226 29.02 10.25 -15.65
CA GLN A 226 29.32 9.00 -14.92
C GLN A 226 28.28 8.84 -13.82
N PHE A 227 27.84 7.61 -13.55
CA PHE A 227 26.82 7.35 -12.50
C PHE A 227 27.50 6.90 -11.20
N TRP A 228 26.94 7.38 -10.10
CA TRP A 228 27.27 6.89 -8.75
C TRP A 228 26.64 5.50 -8.58
N ALA A 229 25.38 5.35 -8.96
CA ALA A 229 24.60 4.13 -8.66
C ALA A 229 23.47 3.93 -9.66
N VAL A 230 22.99 2.69 -9.76
CA VAL A 230 21.71 2.35 -10.45
C VAL A 230 20.85 1.60 -9.45
N THR A 231 19.53 1.66 -9.63
CA THR A 231 18.63 0.74 -8.92
C THR A 231 18.28 -0.42 -9.86
N ALA A 232 17.94 -1.56 -9.27
CA ALA A 232 17.65 -2.82 -9.99
C ALA A 232 16.34 -2.72 -10.77
N GLU A 233 15.48 -1.75 -10.45
CA GLU A 233 14.12 -1.55 -11.02
C GLU A 233 13.40 -0.53 -10.15
N ASN A 234 12.78 0.48 -10.74
CA ASN A 234 11.81 1.34 -10.02
C ASN A 234 10.60 0.51 -9.58
N GLU A 235 10.27 0.52 -8.27
CA GLU A 235 9.03 -0.10 -7.73
C GLU A 235 8.73 -1.42 -8.43
N PRO A 236 9.59 -2.44 -8.27
CA PRO A 236 9.39 -3.74 -8.91
C PRO A 236 8.02 -4.35 -8.54
N SER A 237 7.48 -4.03 -7.37
CA SER A 237 6.19 -4.60 -6.93
C SER A 237 5.04 -4.11 -7.83
N ALA A 238 5.18 -2.95 -8.48
CA ALA A 238 4.15 -2.33 -9.37
C ALA A 238 3.77 -3.29 -10.51
N GLY A 239 4.76 -3.99 -11.05
CA GLY A 239 4.55 -4.86 -12.22
C GLY A 239 3.90 -6.18 -11.84
N LEU A 240 3.63 -6.40 -10.55
CA LEU A 240 2.84 -7.54 -10.03
C LEU A 240 1.34 -7.21 -10.01
N LEU A 241 0.94 -5.99 -10.37
CA LEU A 241 -0.45 -5.48 -10.13
C LEU A 241 -1.25 -5.42 -11.44
N SER A 242 -2.40 -6.11 -11.48
CA SER A 242 -3.36 -6.07 -12.60
C SER A 242 -3.60 -4.61 -13.02
N GLY A 243 -3.38 -4.29 -14.29
CA GLY A 243 -3.78 -3.03 -14.92
C GLY A 243 -2.87 -1.87 -14.56
N TYR A 244 -1.71 -2.15 -13.97
CA TYR A 244 -0.82 -1.04 -13.52
C TYR A 244 -0.73 -0.03 -14.67
N PRO A 245 -1.05 1.26 -14.44
CA PRO A 245 -1.33 2.19 -15.55
C PRO A 245 -0.12 2.71 -16.34
N PHE A 246 1.09 2.63 -15.78
CA PHE A 246 2.26 3.23 -16.45
C PHE A 246 3.45 2.28 -16.34
N GLN A 247 4.57 2.72 -16.92
CA GLN A 247 5.75 1.86 -17.18
C GLN A 247 6.13 1.13 -15.89
N CYS A 248 6.29 -0.18 -15.99
CA CYS A 248 6.68 -1.01 -14.82
C CYS A 248 7.29 -2.33 -15.30
N LEU A 249 7.88 -3.06 -14.37
CA LEU A 249 8.50 -4.36 -14.66
C LEU A 249 8.47 -5.12 -13.34
N GLY A 250 7.61 -6.14 -13.28
CA GLY A 250 7.34 -6.92 -12.07
C GLY A 250 8.51 -7.77 -11.66
N PHE A 251 8.96 -7.65 -10.42
CA PHE A 251 9.81 -8.63 -9.72
C PHE A 251 9.26 -8.92 -8.33
N THR A 252 9.16 -10.20 -8.00
CA THR A 252 9.13 -10.71 -6.62
C THR A 252 10.51 -10.50 -6.02
N PRO A 253 10.67 -10.53 -4.69
CA PRO A 253 12.01 -10.44 -4.12
C PRO A 253 12.91 -11.61 -4.58
N GLU A 254 12.35 -12.79 -4.81
CA GLU A 254 13.14 -13.95 -5.28
C GLU A 254 13.65 -13.69 -6.70
N HIS A 255 12.81 -13.15 -7.57
CA HIS A 255 13.17 -12.83 -8.97
C HIS A 255 14.30 -11.80 -8.95
N GLN A 256 14.17 -10.77 -8.11
CA GLN A 256 15.20 -9.70 -8.01
C GLN A 256 16.49 -10.32 -7.49
N ARG A 257 16.42 -11.13 -6.43
CA ARG A 257 17.59 -11.88 -5.91
C ARG A 257 18.34 -12.59 -7.05
N ASP A 258 17.60 -13.36 -7.84
CA ASP A 258 18.23 -14.23 -8.86
C ASP A 258 18.68 -13.36 -10.03
N PHE A 259 17.92 -12.31 -10.40
CA PHE A 259 18.35 -11.42 -11.49
C PHE A 259 19.69 -10.79 -11.09
N ILE A 260 19.78 -10.34 -9.85
CA ILE A 260 21.00 -9.63 -9.37
C ILE A 260 22.17 -10.61 -9.36
N ALA A 261 22.01 -11.79 -8.76
CA ALA A 261 23.09 -12.80 -8.62
C ALA A 261 23.57 -13.29 -9.99
N ARG A 262 22.66 -13.51 -10.96
CA ARG A 262 23.02 -14.26 -12.20
C ARG A 262 23.36 -13.32 -13.35
N ASP A 263 22.67 -12.18 -13.43
CA ASP A 263 22.66 -11.30 -14.63
C ASP A 263 23.21 -9.92 -14.30
N LEU A 264 22.51 -9.13 -13.47
CA LEU A 264 22.80 -7.68 -13.37
C LEU A 264 24.14 -7.47 -12.67
N GLY A 265 24.35 -8.16 -11.54
CA GLY A 265 25.60 -8.08 -10.77
C GLY A 265 26.82 -8.42 -11.63
N PRO A 266 26.88 -9.65 -12.17
CA PRO A 266 28.04 -10.06 -12.96
C PRO A 266 28.25 -9.19 -14.21
N THR A 267 27.18 -8.75 -14.87
CA THR A 267 27.28 -7.92 -16.10
C THR A 267 27.89 -6.56 -15.74
N LEU A 268 27.45 -5.95 -14.65
CA LEU A 268 28.05 -4.67 -14.20
C LEU A 268 29.50 -4.93 -13.78
N ALA A 269 29.74 -6.02 -13.04
CA ALA A 269 31.05 -6.30 -12.41
C ALA A 269 32.12 -6.53 -13.48
N ASN A 270 31.76 -7.10 -14.62
CA ASN A 270 32.70 -7.42 -15.75
C ASN A 270 32.70 -6.28 -16.80
N SER A 271 32.22 -5.09 -16.44
CA SER A 271 32.12 -3.93 -17.37
C SER A 271 33.04 -2.80 -16.88
N THR A 272 33.26 -1.77 -17.70
CA THR A 272 34.04 -0.56 -17.32
C THR A 272 33.34 0.16 -16.17
N HIS A 273 32.07 -0.18 -15.92
CA HIS A 273 31.19 0.47 -14.91
C HIS A 273 31.15 -0.34 -13.61
N HIS A 274 32.20 -1.11 -13.33
CA HIS A 274 32.23 -2.02 -12.15
C HIS A 274 32.18 -1.24 -10.83
N ASN A 275 32.57 0.05 -10.83
CA ASN A 275 32.58 0.91 -9.62
C ASN A 275 31.18 1.49 -9.36
N VAL A 276 30.27 1.43 -10.34
CA VAL A 276 28.87 1.94 -10.17
C VAL A 276 28.20 1.05 -9.12
N ARG A 277 27.56 1.67 -8.13
CA ARG A 277 26.89 0.94 -7.05
C ARG A 277 25.53 0.44 -7.55
N LEU A 278 25.12 -0.69 -7.02
CA LEU A 278 23.79 -1.30 -7.28
C LEU A 278 22.93 -1.20 -6.01
N LEU A 279 21.78 -0.58 -6.12
CA LEU A 279 20.78 -0.47 -5.04
C LEU A 279 19.64 -1.42 -5.39
N MET A 280 19.21 -2.20 -4.42
CA MET A 280 18.03 -3.09 -4.56
C MET A 280 16.78 -2.39 -4.01
N LEU A 281 15.64 -3.04 -4.23
CA LEU A 281 14.27 -2.67 -3.76
C LEU A 281 13.74 -1.47 -4.57
N ASP A 282 14.14 -0.26 -4.24
CA ASP A 282 13.65 0.99 -4.88
C ASP A 282 12.11 0.98 -4.83
N ASP A 283 11.59 0.71 -3.63
CA ASP A 283 10.15 0.39 -3.42
C ASP A 283 9.77 0.72 -1.98
N GLN A 284 8.51 0.50 -1.63
CA GLN A 284 7.94 0.98 -0.33
C GLN A 284 8.66 0.32 0.85
N ARG A 285 8.92 1.06 1.93
CA ARG A 285 9.73 0.49 3.05
C ARG A 285 9.00 -0.62 3.81
N LEU A 286 7.67 -0.75 3.70
CA LEU A 286 6.94 -1.90 4.31
C LEU A 286 7.50 -3.23 3.78
N LEU A 287 8.17 -3.24 2.62
CA LEU A 287 8.78 -4.46 2.02
C LEU A 287 10.04 -4.87 2.78
N LEU A 288 10.47 -4.04 3.75
CA LEU A 288 11.62 -4.37 4.64
C LEU A 288 11.09 -4.82 5.99
N PRO A 289 11.76 -5.78 6.67
CA PRO A 289 13.03 -6.36 6.24
C PRO A 289 12.96 -7.57 5.29
N HIS A 290 11.75 -8.01 4.93
CA HIS A 290 11.54 -9.23 4.11
C HIS A 290 12.38 -9.19 2.84
N TRP A 291 12.31 -8.13 2.04
CA TRP A 291 13.06 -8.08 0.76
C TRP A 291 14.56 -8.15 1.03
N ALA A 292 15.05 -7.48 2.07
CA ALA A 292 16.48 -7.54 2.43
C ALA A 292 16.86 -8.98 2.78
N LYS A 293 16.04 -9.69 3.58
CA LYS A 293 16.32 -11.10 3.97
C LYS A 293 16.41 -11.98 2.71
N VAL A 294 15.45 -11.84 1.78
CA VAL A 294 15.37 -12.70 0.57
C VAL A 294 16.61 -12.47 -0.30
N VAL A 295 17.00 -11.21 -0.53
CA VAL A 295 18.12 -10.95 -1.46
C VAL A 295 19.46 -11.17 -0.73
N LEU A 296 19.62 -10.67 0.48
CA LEU A 296 20.96 -10.50 1.08
C LEU A 296 21.40 -11.78 1.82
N THR A 297 20.51 -12.72 2.11
CA THR A 297 20.92 -14.04 2.68
C THR A 297 21.45 -14.96 1.57
N ASP A 298 21.32 -14.58 0.30
CA ASP A 298 21.96 -15.30 -0.84
C ASP A 298 23.33 -14.66 -1.08
N PRO A 299 24.45 -15.28 -0.68
CA PRO A 299 25.76 -14.62 -0.79
C PRO A 299 26.08 -14.18 -2.24
N GLU A 300 25.52 -14.87 -3.23
CA GLU A 300 25.79 -14.62 -4.66
C GLU A 300 25.10 -13.32 -5.12
N ALA A 301 23.94 -12.96 -4.55
CA ALA A 301 23.32 -11.63 -4.76
C ALA A 301 23.99 -10.59 -3.84
N ALA A 302 24.22 -10.94 -2.57
CA ALA A 302 24.67 -10.01 -1.51
C ALA A 302 25.99 -9.34 -1.92
N LYS A 303 26.88 -10.08 -2.59
CA LYS A 303 28.21 -9.52 -2.99
C LYS A 303 28.07 -8.40 -4.03
N TYR A 304 26.91 -8.26 -4.68
CA TYR A 304 26.68 -7.21 -5.72
C TYR A 304 25.89 -6.02 -5.18
N VAL A 305 25.22 -6.18 -4.02
CA VAL A 305 24.28 -5.14 -3.51
C VAL A 305 25.01 -4.22 -2.53
N HIS A 306 25.13 -2.96 -2.92
CA HIS A 306 25.70 -1.85 -2.12
C HIS A 306 24.68 -1.32 -1.13
N GLY A 307 23.41 -1.21 -1.54
CA GLY A 307 22.44 -0.41 -0.76
C GLY A 307 21.02 -0.83 -1.06
N ILE A 308 20.09 -0.35 -0.25
CA ILE A 308 18.64 -0.62 -0.35
C ILE A 308 17.96 0.75 -0.53
N ALA A 309 17.31 0.97 -1.67
CA ALA A 309 16.60 2.22 -1.99
C ALA A 309 15.14 2.09 -1.54
N VAL A 310 14.61 3.14 -0.89
CA VAL A 310 13.20 3.13 -0.39
C VAL A 310 12.42 4.35 -0.92
N HIS A 311 11.14 4.12 -1.17
CA HIS A 311 10.11 5.10 -1.54
C HIS A 311 9.17 5.31 -0.35
N TRP A 312 8.61 6.53 -0.27
CA TRP A 312 7.91 7.01 0.95
C TRP A 312 6.40 6.78 0.89
N TYR A 313 5.86 6.27 -0.21
CA TYR A 313 4.41 6.45 -0.54
C TYR A 313 3.50 5.75 0.47
N LEU A 314 3.93 4.65 1.08
CA LEU A 314 3.09 3.89 2.05
C LEU A 314 3.75 3.88 3.42
N ASP A 315 4.49 4.95 3.76
CA ASP A 315 5.24 5.05 5.03
C ASP A 315 4.26 5.02 6.21
N PHE A 316 3.01 5.42 6.00
CA PHE A 316 1.95 5.37 7.06
C PHE A 316 1.70 3.92 7.50
N LEU A 317 1.96 2.93 6.64
CA LEU A 317 1.73 1.49 6.97
C LEU A 317 2.96 0.95 7.72
N ALA A 318 4.12 1.64 7.67
CA ALA A 318 5.46 1.05 7.88
C ALA A 318 6.23 1.81 8.96
N PRO A 319 6.01 1.52 10.26
CA PRO A 319 6.78 2.20 11.31
C PRO A 319 8.28 2.02 11.05
N ALA A 320 9.05 3.10 11.22
CA ALA A 320 10.49 3.15 10.89
C ALA A 320 11.23 2.02 11.62
N LYS A 321 10.97 1.83 12.91
CA LYS A 321 11.72 0.86 13.75
C LYS A 321 11.61 -0.57 13.18
N ALA A 322 10.42 -0.99 12.78
CA ALA A 322 10.11 -2.38 12.41
C ALA A 322 10.58 -2.65 10.97
N THR A 323 10.94 -1.62 10.20
CA THR A 323 11.29 -1.74 8.77
C THR A 323 12.75 -1.31 8.58
N LEU A 324 13.01 0.00 8.55
CA LEU A 324 14.38 0.57 8.45
C LEU A 324 15.22 0.07 9.64
N GLY A 325 14.69 0.18 10.86
CA GLY A 325 15.42 -0.19 12.09
C GLY A 325 15.88 -1.64 12.05
N GLU A 326 14.97 -2.56 11.77
CA GLU A 326 15.23 -4.03 11.76
C GLU A 326 16.17 -4.39 10.61
N THR A 327 16.04 -3.73 9.46
CA THR A 327 16.91 -3.97 8.29
C THR A 327 18.35 -3.59 8.66
N HIS A 328 18.52 -2.43 9.29
CA HIS A 328 19.86 -1.97 9.74
C HIS A 328 20.45 -2.99 10.74
N ARG A 329 19.64 -3.46 11.67
CA ARG A 329 20.08 -4.39 12.74
C ARG A 329 20.61 -5.67 12.08
N LEU A 330 19.88 -6.21 11.09
CA LEU A 330 20.19 -7.48 10.39
C LEU A 330 21.35 -7.28 9.41
N PHE A 331 21.41 -6.15 8.70
CA PHE A 331 22.36 -5.89 7.59
C PHE A 331 23.00 -4.52 7.78
N PRO A 332 23.78 -4.32 8.87
CA PRO A 332 24.28 -2.99 9.19
C PRO A 332 25.24 -2.43 8.14
N ASN A 333 25.88 -3.26 7.33
CA ASN A 333 26.89 -2.80 6.34
C ASN A 333 26.24 -2.56 4.97
N THR A 334 24.91 -2.66 4.87
CA THR A 334 24.18 -2.39 3.61
C THR A 334 23.38 -1.10 3.81
N MET A 335 23.79 -0.03 3.14
CA MET A 335 23.22 1.32 3.40
C MET A 335 21.75 1.34 2.97
N LEU A 336 20.94 2.11 3.68
CA LEU A 336 19.54 2.44 3.32
C LEU A 336 19.52 3.85 2.73
N PHE A 337 18.74 4.05 1.67
CA PHE A 337 18.73 5.32 0.91
C PHE A 337 17.31 5.58 0.42
N ALA A 338 16.78 6.78 0.69
CA ALA A 338 15.42 7.19 0.23
C ALA A 338 15.54 7.79 -1.17
N SER A 339 14.96 7.11 -2.17
CA SER A 339 15.23 7.39 -3.61
C SER A 339 14.07 8.13 -4.30
N GLU A 340 12.89 8.22 -3.69
CA GLU A 340 11.74 8.91 -4.34
C GLU A 340 10.64 9.25 -3.33
N ALA A 341 10.19 10.50 -3.40
CA ALA A 341 9.07 11.04 -2.62
C ALA A 341 8.39 12.14 -3.44
N CYS A 342 7.05 12.20 -3.39
CA CYS A 342 6.26 13.37 -3.78
C CYS A 342 4.89 13.24 -3.10
N VAL A 343 4.26 14.39 -2.89
CA VAL A 343 2.83 14.47 -2.51
C VAL A 343 2.00 14.63 -3.80
N GLY A 344 0.80 14.05 -3.82
CA GLY A 344 -0.20 14.30 -4.86
C GLY A 344 -0.53 13.04 -5.64
N SER A 345 0.14 11.91 -5.36
CA SER A 345 -0.05 10.65 -6.10
C SER A 345 -1.26 9.89 -5.57
N LYS A 346 -1.83 10.26 -4.43
CA LYS A 346 -3.06 9.61 -3.92
C LYS A 346 -4.27 10.25 -4.61
N PHE A 347 -5.32 9.46 -4.90
CA PHE A 347 -6.44 9.89 -5.77
C PHE A 347 -7.12 11.13 -5.19
N TRP A 348 -7.16 11.25 -3.85
CA TRP A 348 -7.85 12.34 -3.11
C TRP A 348 -6.94 13.57 -2.95
N GLU A 349 -5.63 13.42 -3.16
CA GLU A 349 -4.67 14.54 -3.01
C GLU A 349 -4.78 15.43 -4.24
N GLN A 350 -5.08 16.71 -4.03
CA GLN A 350 -4.95 17.73 -5.10
C GLN A 350 -3.52 17.68 -5.64
N SER A 351 -3.34 17.74 -6.95
CA SER A 351 -2.00 17.59 -7.60
C SER A 351 -1.03 18.62 -7.03
N VAL A 352 -1.40 19.88 -7.13
CA VAL A 352 -0.53 21.03 -6.77
C VAL A 352 -1.29 21.96 -5.82
N ARG A 353 -0.70 22.22 -4.64
CA ARG A 353 -1.26 23.16 -3.64
C ARG A 353 -0.21 24.24 -3.39
N LEU A 354 -0.25 25.30 -4.22
CA LEU A 354 0.82 26.33 -4.27
C LEU A 354 0.92 26.97 -2.90
N GLY A 355 2.05 26.78 -2.21
CA GLY A 355 2.27 27.42 -0.90
C GLY A 355 1.93 26.52 0.27
N SER A 356 1.66 25.22 0.05
CA SER A 356 1.28 24.30 1.15
C SER A 356 2.41 24.16 2.18
N TRP A 357 2.18 24.64 3.38
CA TRP A 357 3.09 24.36 4.52
C TRP A 357 2.99 22.87 4.89
N ASP A 358 1.79 22.29 4.84
CA ASP A 358 1.58 20.88 5.21
C ASP A 358 2.57 19.99 4.42
N ARG A 359 2.68 20.22 3.11
CA ARG A 359 3.52 19.39 2.20
C ARG A 359 5.01 19.63 2.52
N GLY A 360 5.38 20.85 2.90
CA GLY A 360 6.73 21.13 3.43
C GLY A 360 7.01 20.28 4.66
N MET A 361 6.10 20.30 5.63
CA MET A 361 6.25 19.54 6.90
C MET A 361 6.27 18.03 6.63
N GLN A 362 5.51 17.55 5.64
CA GLN A 362 5.58 16.12 5.27
C GLN A 362 7.01 15.81 4.82
N TYR A 363 7.64 16.66 4.01
CA TYR A 363 9.03 16.45 3.53
C TYR A 363 10.00 16.40 4.73
N SER A 364 10.04 17.44 5.55
CA SER A 364 11.03 17.51 6.65
C SER A 364 10.75 16.40 7.66
N HIS A 365 9.49 16.09 7.95
CA HIS A 365 9.16 15.01 8.91
C HIS A 365 9.71 13.68 8.39
N SER A 366 9.55 13.40 7.10
CA SER A 366 10.06 12.18 6.44
C SER A 366 11.59 12.16 6.51
N ILE A 367 12.24 13.29 6.21
CA ILE A 367 13.72 13.31 6.16
C ILE A 367 14.24 13.03 7.57
N ILE A 368 13.67 13.70 8.56
CA ILE A 368 14.14 13.51 9.96
C ILE A 368 13.93 12.04 10.34
N THR A 369 12.74 11.49 10.10
CA THR A 369 12.44 10.10 10.47
C THR A 369 13.44 9.18 9.78
N ASN A 370 13.69 9.36 8.49
CA ASN A 370 14.69 8.57 7.73
C ASN A 370 16.07 8.69 8.38
N LEU A 371 16.52 9.91 8.71
CA LEU A 371 17.89 10.12 9.25
C LEU A 371 17.98 9.50 10.65
N LEU A 372 16.88 9.41 11.40
CA LEU A 372 16.93 8.82 12.78
C LEU A 372 16.95 7.29 12.70
N TYR A 373 16.69 6.68 11.54
CA TYR A 373 16.69 5.21 11.34
C TYR A 373 17.63 4.84 10.20
N HIS A 374 18.82 5.46 10.21
CA HIS A 374 20.06 4.97 9.56
C HIS A 374 20.10 5.30 8.08
N VAL A 375 19.11 6.01 7.53
CA VAL A 375 19.04 6.26 6.06
C VAL A 375 20.08 7.31 5.69
N VAL A 376 20.79 7.12 4.56
CA VAL A 376 22.00 7.94 4.25
C VAL A 376 21.67 9.07 3.28
N GLY A 377 20.42 9.22 2.84
CA GLY A 377 20.07 10.22 1.81
C GLY A 377 18.59 10.28 1.56
N TRP A 378 18.13 11.34 0.92
CA TRP A 378 16.69 11.50 0.64
C TRP A 378 16.56 12.27 -0.68
N THR A 379 15.76 11.71 -1.56
CA THR A 379 15.67 12.14 -2.97
C THR A 379 14.20 12.47 -3.26
N ASP A 380 14.00 13.70 -3.69
CA ASP A 380 12.72 14.18 -4.24
C ASP A 380 12.50 13.51 -5.60
N TRP A 381 11.25 13.56 -6.05
CA TRP A 381 10.83 13.15 -7.42
C TRP A 381 11.04 14.36 -8.36
N ASN A 382 10.11 14.64 -9.26
CA ASN A 382 10.30 15.70 -10.30
C ASN A 382 10.92 16.97 -9.72
N LEU A 383 12.03 17.42 -10.28
CA LEU A 383 12.66 18.69 -9.88
C LEU A 383 11.73 19.89 -10.14
N ALA A 384 10.87 19.81 -11.16
CA ALA A 384 9.96 20.92 -11.55
C ALA A 384 8.76 20.35 -12.30
N LEU A 385 7.58 20.90 -12.03
CA LEU A 385 6.33 20.55 -12.75
C LEU A 385 5.60 21.85 -13.13
N ASN A 386 4.61 21.72 -13.98
CA ASN A 386 3.73 22.86 -14.36
C ASN A 386 2.63 22.96 -13.30
N PRO A 387 1.78 24.03 -13.34
CA PRO A 387 0.76 24.26 -12.31
C PRO A 387 -0.31 23.16 -12.24
N GLU A 388 -0.43 22.35 -13.29
CA GLU A 388 -1.31 21.14 -13.35
C GLU A 388 -0.64 19.97 -12.58
N GLY A 389 0.68 20.02 -12.39
CA GLY A 389 1.45 18.90 -11.80
C GLY A 389 1.95 17.93 -12.87
N GLY A 390 2.08 18.41 -14.12
CA GLY A 390 2.51 17.61 -15.26
C GLY A 390 3.72 18.23 -15.97
N PRO A 391 3.97 17.86 -17.24
CA PRO A 391 3.12 16.90 -17.98
C PRO A 391 3.31 15.43 -17.54
N ASN A 392 2.34 14.58 -17.86
CA ASN A 392 2.32 13.15 -17.45
C ASN A 392 1.38 12.39 -18.39
N TRP A 393 1.89 11.39 -19.12
CA TRP A 393 1.11 10.81 -20.25
C TRP A 393 -0.12 10.05 -19.73
N VAL A 394 -0.19 9.68 -18.45
CA VAL A 394 -1.41 9.01 -17.87
C VAL A 394 -2.10 9.93 -16.87
N ARG A 395 -1.80 11.23 -16.86
CA ARG A 395 -2.44 12.25 -16.00
C ARG A 395 -2.26 11.89 -14.51
N ASN A 396 -1.16 11.21 -14.18
CA ASN A 396 -0.78 10.94 -12.77
C ASN A 396 -0.06 12.18 -12.24
N PHE A 397 -0.77 13.30 -12.14
CA PHE A 397 -0.20 14.62 -11.77
C PHE A 397 0.11 14.63 -10.28
N VAL A 398 1.26 15.22 -9.89
CA VAL A 398 1.70 15.34 -8.47
C VAL A 398 2.25 16.74 -8.24
N ASP A 399 2.72 16.98 -7.02
CA ASP A 399 3.30 18.26 -6.60
C ASP A 399 4.82 18.17 -6.73
N SER A 400 5.47 19.33 -6.76
CA SER A 400 6.94 19.46 -6.89
C SER A 400 7.38 20.70 -6.11
N PRO A 401 8.57 20.71 -5.49
CA PRO A 401 9.07 21.90 -4.81
C PRO A 401 9.11 23.17 -5.67
N ILE A 402 9.29 23.03 -6.98
CA ILE A 402 9.28 24.18 -7.90
C ILE A 402 8.20 23.95 -8.97
N ILE A 403 7.36 24.97 -9.15
CA ILE A 403 6.26 24.96 -10.13
C ILE A 403 6.58 26.05 -11.15
N VAL A 404 6.69 25.68 -12.42
CA VAL A 404 7.00 26.65 -13.51
C VAL A 404 5.68 27.17 -14.04
N ASP A 405 5.63 28.48 -14.31
CA ASP A 405 4.48 29.18 -14.92
C ASP A 405 5.00 29.81 -16.21
N ILE A 406 4.94 29.08 -17.34
CA ILE A 406 5.62 29.47 -18.60
C ILE A 406 5.01 30.77 -19.14
N THR A 407 3.70 30.99 -18.96
CA THR A 407 3.04 32.21 -19.47
C THR A 407 3.66 33.46 -18.82
N LYS A 408 4.23 33.33 -17.62
CA LYS A 408 4.80 34.48 -16.86
C LYS A 408 6.34 34.41 -16.82
N ASP A 409 6.94 33.45 -17.53
CA ASP A 409 8.40 33.16 -17.44
C ASP A 409 8.78 33.17 -15.96
N THR A 410 8.00 32.50 -15.12
CA THR A 410 8.10 32.57 -13.65
C THR A 410 8.20 31.13 -13.12
N PHE A 411 8.88 30.96 -11.99
CA PHE A 411 8.78 29.70 -11.20
C PHE A 411 8.58 30.06 -9.73
N TYR A 412 7.86 29.17 -9.05
CA TYR A 412 7.43 29.32 -7.64
C TYR A 412 8.18 28.29 -6.80
N LYS A 413 8.90 28.74 -5.79
CA LYS A 413 9.57 27.83 -4.84
C LYS A 413 8.62 27.65 -3.66
N GLN A 414 8.18 26.42 -3.49
CA GLN A 414 7.16 26.09 -2.48
C GLN A 414 7.84 25.77 -1.15
N PRO A 415 7.05 25.71 -0.07
CA PRO A 415 7.57 25.27 1.22
C PRO A 415 8.40 23.97 1.15
N MET A 416 8.02 23.01 0.31
CA MET A 416 8.79 21.75 0.15
C MET A 416 10.25 22.07 -0.23
N PHE A 417 10.49 23.08 -1.07
CA PHE A 417 11.88 23.45 -1.46
C PHE A 417 12.67 23.79 -0.19
N TYR A 418 12.10 24.65 0.66
CA TYR A 418 12.81 25.18 1.86
C TYR A 418 12.96 24.07 2.90
N HIS A 419 11.92 23.27 3.11
CA HIS A 419 11.97 22.14 4.08
C HIS A 419 13.09 21.19 3.66
N LEU A 420 13.20 20.84 2.38
CA LEU A 420 14.32 19.97 1.91
C LEU A 420 15.64 20.73 2.08
N GLY A 421 15.69 22.01 1.71
CA GLY A 421 16.90 22.84 1.77
C GLY A 421 17.49 22.93 3.18
N HIS A 422 16.66 22.87 4.22
CA HIS A 422 17.10 22.92 5.65
C HIS A 422 18.02 21.72 5.93
N PHE A 423 17.96 20.66 5.11
CA PHE A 423 18.84 19.47 5.20
C PHE A 423 19.91 19.54 4.11
N SER A 424 19.49 19.68 2.84
CA SER A 424 20.40 19.56 1.67
C SER A 424 21.51 20.59 1.80
N LYS A 425 21.18 21.81 2.22
CA LYS A 425 22.15 22.96 2.20
C LYS A 425 23.24 22.75 3.27
N PHE A 426 22.88 22.14 4.38
CA PHE A 426 23.68 22.18 5.63
C PHE A 426 24.19 20.79 6.02
N ILE A 427 23.98 19.75 5.20
CA ILE A 427 24.42 18.35 5.53
C ILE A 427 25.19 17.81 4.33
N PRO A 428 26.49 18.15 4.22
CA PRO A 428 27.28 17.71 3.08
C PRO A 428 27.52 16.20 3.16
N GLU A 429 27.88 15.63 2.01
CA GLU A 429 28.26 14.20 1.91
C GLU A 429 29.36 13.91 2.93
N GLY A 430 29.17 12.83 3.69
CA GLY A 430 30.12 12.36 4.70
C GLY A 430 29.73 12.80 6.10
N SER A 431 28.76 13.72 6.23
CA SER A 431 28.22 14.12 7.55
C SER A 431 27.77 12.85 8.27
N GLN A 432 28.00 12.75 9.57
CA GLN A 432 27.64 11.53 10.33
C GLN A 432 26.56 11.90 11.34
N ARG A 433 25.43 11.19 11.33
N ARG A 433 25.42 11.19 11.32
CA ARG A 433 24.37 11.39 12.34
CA ARG A 433 24.38 11.41 12.35
C ARG A 433 24.98 11.09 13.71
C ARG A 433 24.99 11.10 13.71
N VAL A 434 24.68 11.94 14.69
CA VAL A 434 25.12 11.73 16.09
C VAL A 434 23.87 11.75 16.98
N GLY A 435 23.99 11.25 18.20
CA GLY A 435 22.90 11.30 19.17
C GLY A 435 22.45 12.71 19.51
N LEU A 436 21.19 12.81 19.91
CA LEU A 436 20.58 14.06 20.43
C LEU A 436 19.49 13.66 21.41
N VAL A 437 19.77 13.79 22.71
CA VAL A 437 18.88 13.26 23.79
C VAL A 437 18.04 14.42 24.30
N ALA A 438 16.71 14.24 24.35
CA ALA A 438 15.76 15.17 24.99
C ALA A 438 15.73 14.94 26.50
N SER A 439 15.68 16.01 27.29
CA SER A 439 15.54 15.96 28.77
C SER A 439 14.12 15.52 29.15
N GLN A 440 13.14 15.67 28.26
CA GLN A 440 11.71 15.42 28.58
C GLN A 440 10.96 15.17 27.30
N LYS A 441 9.73 14.66 27.42
CA LYS A 441 8.78 14.39 26.32
C LYS A 441 8.44 15.72 25.61
N ASN A 442 8.38 15.73 24.28
CA ASN A 442 8.12 16.99 23.51
C ASN A 442 7.53 16.63 22.14
N ASP A 443 6.93 17.61 21.47
CA ASP A 443 6.25 17.45 20.16
C ASP A 443 7.18 17.83 19.00
N LEU A 444 8.47 18.06 19.24
CA LEU A 444 9.40 18.47 18.16
C LEU A 444 9.93 17.24 17.43
N ASP A 445 10.37 17.44 16.20
CA ASP A 445 11.18 16.46 15.43
C ASP A 445 12.57 17.07 15.28
N ALA A 446 13.62 16.34 15.64
CA ALA A 446 14.99 16.90 15.62
C ALA A 446 15.99 15.83 15.24
N VAL A 447 17.07 16.26 14.61
CA VAL A 447 18.21 15.36 14.32
C VAL A 447 19.47 16.20 14.40
N ALA A 448 20.57 15.57 14.80
CA ALA A 448 21.89 16.22 14.87
C ALA A 448 22.88 15.43 14.03
N LEU A 449 23.80 16.12 13.37
CA LEU A 449 24.89 15.45 12.63
C LEU A 449 26.19 16.24 12.85
N MET A 450 27.32 15.61 12.57
CA MET A 450 28.65 16.25 12.57
C MET A 450 29.20 16.24 11.14
N HIS A 451 29.51 17.42 10.60
CA HIS A 451 30.20 17.57 9.29
C HIS A 451 31.51 16.80 9.34
N PRO A 452 32.05 16.35 8.20
CA PRO A 452 33.37 15.73 8.19
C PRO A 452 34.44 16.58 8.89
N ASP A 453 34.35 17.90 8.79
CA ASP A 453 35.34 18.86 9.36
C ASP A 453 35.13 19.05 10.87
N GLY A 454 34.09 18.45 11.46
CA GLY A 454 33.87 18.41 12.93
C GLY A 454 32.80 19.37 13.42
N SER A 455 32.28 20.26 12.57
CA SER A 455 31.22 21.23 12.89
C SER A 455 29.89 20.52 13.13
N ALA A 456 28.99 21.16 13.87
CA ALA A 456 27.69 20.61 14.30
C ALA A 456 26.57 21.16 13.44
N VAL A 457 25.59 20.31 13.14
CA VAL A 457 24.33 20.80 12.49
C VAL A 457 23.18 20.13 13.24
N VAL A 458 22.16 20.90 13.59
CA VAL A 458 20.92 20.36 14.21
C VAL A 458 19.74 20.90 13.44
N VAL A 459 18.81 20.03 13.06
CA VAL A 459 17.56 20.50 12.40
C VAL A 459 16.43 20.27 13.41
N VAL A 460 15.62 21.31 13.64
CA VAL A 460 14.47 21.23 14.58
C VAL A 460 13.21 21.60 13.82
N LEU A 461 12.26 20.67 13.78
CA LEU A 461 10.96 20.87 13.11
C LEU A 461 9.88 20.90 14.19
N ASN A 462 9.00 21.90 14.12
CA ASN A 462 7.82 22.02 15.01
C ASN A 462 6.56 21.96 14.16
N ARG A 463 5.87 20.83 14.20
CA ARG A 463 4.65 20.56 13.41
C ARG A 463 3.42 20.98 14.24
N SER A 464 3.65 21.41 15.48
CA SER A 464 2.59 21.95 16.40
C SER A 464 2.42 23.46 16.20
N SER A 465 1.28 23.98 16.65
CA SER A 465 0.95 25.42 16.69
C SER A 465 1.66 26.11 17.86
N LYS A 466 2.25 25.38 18.80
CA LYS A 466 2.76 25.95 20.09
C LYS A 466 4.25 26.28 19.96
N ASP A 467 4.65 27.48 20.36
CA ASP A 467 6.07 27.86 20.49
C ASP A 467 6.71 26.98 21.57
N VAL A 468 7.93 26.49 21.36
CA VAL A 468 8.65 25.66 22.37
C VAL A 468 10.01 26.28 22.64
N PRO A 469 10.21 27.00 23.77
CA PRO A 469 11.54 27.41 24.16
C PRO A 469 12.36 26.14 24.37
N LEU A 470 13.64 26.16 24.00
CA LEU A 470 14.52 25.00 24.25
C LEU A 470 15.98 25.46 24.30
N THR A 471 16.80 24.60 24.88
CA THR A 471 18.27 24.74 24.94
C THR A 471 18.89 23.52 24.23
N ILE A 472 19.93 23.77 23.46
CA ILE A 472 20.79 22.74 22.84
C ILE A 472 22.12 22.76 23.58
N LYS A 473 22.51 21.61 24.13
CA LYS A 473 23.80 21.48 24.86
C LYS A 473 24.76 20.74 23.95
N ASP A 474 25.90 21.35 23.65
CA ASP A 474 27.09 20.69 23.09
C ASP A 474 28.07 20.54 24.25
N PRO A 475 28.22 19.33 24.82
CA PRO A 475 29.02 19.14 26.05
C PRO A 475 30.45 19.69 26.03
N ALA A 476 31.04 19.93 24.86
CA ALA A 476 32.43 20.42 24.75
C ALA A 476 32.47 21.93 24.45
N VAL A 477 31.34 22.56 24.11
CA VAL A 477 31.35 23.94 23.55
C VAL A 477 30.42 24.85 24.36
N GLY A 478 29.21 24.39 24.71
CA GLY A 478 28.28 25.11 25.59
C GLY A 478 26.84 24.96 25.17
N PHE A 479 26.02 26.00 25.42
CA PHE A 479 24.55 25.97 25.36
C PHE A 479 24.05 27.03 24.38
N LEU A 480 23.12 26.61 23.51
CA LEU A 480 22.36 27.52 22.60
C LEU A 480 20.97 27.69 23.21
N GLU A 481 20.63 28.89 23.66
CA GLU A 481 19.27 29.21 24.11
C GLU A 481 18.47 29.67 22.90
N THR A 482 17.34 29.04 22.62
CA THR A 482 16.53 29.36 21.43
C THR A 482 15.06 29.02 21.70
N ILE A 483 14.27 29.20 20.65
CA ILE A 483 12.82 28.88 20.59
C ILE A 483 12.62 28.09 19.31
N SER A 484 11.66 27.18 19.33
CA SER A 484 11.12 26.54 18.11
C SER A 484 9.70 27.05 17.96
N PRO A 485 9.46 28.08 17.12
CA PRO A 485 8.11 28.58 16.94
C PRO A 485 7.19 27.49 16.37
N GLY A 486 5.92 27.56 16.72
CA GLY A 486 4.89 26.73 16.07
C GLY A 486 5.01 26.89 14.56
N TYR A 487 4.85 25.79 13.81
CA TYR A 487 4.87 25.77 12.33
C TYR A 487 6.16 26.44 11.85
N SER A 488 7.29 25.99 12.40
CA SER A 488 8.62 26.44 11.95
C SER A 488 9.52 25.22 11.67
N ILE A 489 10.63 25.52 11.00
CA ILE A 489 11.79 24.59 10.94
C ILE A 489 13.05 25.44 11.05
N HIS A 490 13.98 25.00 11.89
CA HIS A 490 15.27 25.68 12.11
C HIS A 490 16.40 24.73 11.74
N THR A 491 17.47 25.25 11.15
CA THR A 491 18.78 24.57 11.11
C THR A 491 19.77 25.44 11.89
N TYR A 492 20.45 24.82 12.84
CA TYR A 492 21.50 25.39 13.70
C TYR A 492 22.84 24.81 13.24
N LEU A 493 23.86 25.66 13.12
CA LEU A 493 25.24 25.20 12.78
C LEU A 493 26.22 25.92 13.69
N TRP A 494 27.30 25.26 14.05
CA TRP A 494 28.34 25.93 14.88
C TRP A 494 29.64 25.17 14.77
N ARG A 495 30.75 25.89 14.87
CA ARG A 495 32.08 25.27 15.00
C ARG A 495 32.19 24.65 16.41
N ARG A 496 32.87 23.53 16.51
CA ARG A 496 33.15 22.86 17.80
C ARG A 496 34.60 23.13 18.20
N GLN A 497 35.38 23.76 17.30
CA GLN A 497 36.84 23.98 17.44
C GLN A 497 37.25 25.23 16.65
N ALA B 1 -30.74 -27.05 -12.09
CA ALA B 1 -32.21 -26.81 -12.14
C ALA B 1 -32.53 -25.78 -13.22
N ARG B 2 -32.44 -24.49 -12.89
CA ARG B 2 -32.81 -23.35 -13.77
C ARG B 2 -31.49 -22.70 -14.23
N PRO B 3 -31.20 -22.68 -15.56
CA PRO B 3 -29.89 -22.23 -16.04
C PRO B 3 -29.71 -20.72 -16.22
N CYS B 4 -28.44 -20.31 -16.25
CA CYS B 4 -27.96 -18.95 -16.58
C CYS B 4 -28.64 -18.46 -17.85
N ILE B 5 -29.23 -17.26 -17.81
CA ILE B 5 -29.55 -16.44 -19.03
C ILE B 5 -28.35 -15.54 -19.27
N PRO B 6 -27.48 -15.85 -20.26
CA PRO B 6 -26.24 -15.11 -20.42
C PRO B 6 -26.46 -13.79 -21.15
N LYS B 7 -25.71 -12.76 -20.75
CA LYS B 7 -25.62 -11.51 -21.52
C LYS B 7 -24.18 -11.05 -21.49
N SER B 8 -23.67 -10.63 -22.64
CA SER B 8 -22.31 -10.06 -22.80
C SER B 8 -22.43 -8.55 -22.77
N PHE B 9 -21.52 -7.89 -22.05
CA PHE B 9 -21.37 -6.42 -22.02
C PHE B 9 -20.05 -6.04 -22.67
N GLY B 10 -19.40 -6.99 -23.37
CA GLY B 10 -18.21 -6.73 -24.19
C GLY B 10 -16.93 -7.00 -23.43
N TYR B 11 -17.02 -7.62 -22.26
CA TYR B 11 -15.85 -8.07 -21.47
C TYR B 11 -15.64 -9.56 -21.75
N SER B 12 -14.77 -10.22 -20.98
CA SER B 12 -14.20 -11.55 -21.30
C SER B 12 -15.22 -12.66 -21.12
N SER B 13 -16.31 -12.41 -20.41
CA SER B 13 -17.36 -13.44 -20.22
C SER B 13 -18.74 -12.80 -20.02
N VAL B 14 -19.72 -13.62 -19.72
CA VAL B 14 -21.15 -13.23 -19.63
C VAL B 14 -21.52 -13.05 -18.17
N VAL B 15 -22.53 -12.23 -17.93
CA VAL B 15 -23.26 -12.17 -16.64
C VAL B 15 -24.48 -13.08 -16.82
N CYS B 16 -25.07 -13.52 -15.71
CA CYS B 16 -26.36 -14.24 -15.71
C CYS B 16 -27.45 -13.25 -15.33
N VAL B 17 -28.46 -13.13 -16.18
CA VAL B 17 -29.51 -12.08 -16.07
C VAL B 17 -30.65 -12.66 -15.24
N CYS B 18 -31.02 -11.96 -14.17
CA CYS B 18 -32.18 -12.27 -13.29
C CYS B 18 -33.14 -11.08 -13.24
N ASN B 19 -34.43 -11.37 -13.04
CA ASN B 19 -35.48 -10.33 -12.97
C ASN B 19 -36.56 -10.83 -12.01
N ALA B 20 -37.74 -10.24 -12.03
CA ALA B 20 -38.84 -10.57 -11.09
C ALA B 20 -39.25 -12.04 -11.23
N THR B 21 -39.18 -12.61 -12.43
CA THR B 21 -39.85 -13.91 -12.77
C THR B 21 -38.84 -15.01 -13.06
N TYR B 22 -37.54 -14.70 -13.19
CA TYR B 22 -36.53 -15.71 -13.59
C TYR B 22 -35.17 -15.37 -12.99
N CYS B 23 -34.57 -16.37 -12.36
CA CYS B 23 -33.14 -16.38 -11.94
C CYS B 23 -32.62 -17.82 -11.96
N ASP B 24 -31.36 -18.00 -12.34
CA ASP B 24 -30.70 -19.33 -12.36
C ASP B 24 -30.62 -19.84 -10.93
N SER B 25 -30.69 -21.14 -10.76
CA SER B 25 -30.74 -21.83 -9.45
C SER B 25 -30.21 -23.24 -9.58
N PHE B 26 -30.00 -23.89 -8.44
CA PHE B 26 -29.61 -25.31 -8.33
C PHE B 26 -30.78 -26.16 -7.86
N ASP B 27 -30.74 -27.46 -8.21
CA ASP B 27 -31.57 -28.52 -7.58
C ASP B 27 -30.94 -28.93 -6.26
N PRO B 28 -31.72 -29.54 -5.34
CA PRO B 28 -31.16 -30.13 -4.12
C PRO B 28 -30.08 -31.18 -4.40
N PRO B 29 -29.10 -31.36 -3.49
CA PRO B 29 -28.07 -32.39 -3.67
C PRO B 29 -28.69 -33.80 -3.64
N THR B 30 -28.17 -34.72 -4.47
CA THR B 30 -28.63 -36.13 -4.64
C THR B 30 -27.71 -37.09 -3.87
N PHE B 31 -26.57 -36.60 -3.38
CA PHE B 31 -25.58 -37.41 -2.61
C PHE B 31 -25.26 -38.68 -3.40
N PRO B 32 -24.46 -38.57 -4.49
CA PRO B 32 -24.11 -39.72 -5.32
C PRO B 32 -23.39 -40.79 -4.47
N ALA B 33 -23.60 -42.06 -4.82
CA ALA B 33 -23.14 -43.24 -4.07
C ALA B 33 -21.60 -43.32 -4.12
N LEU B 34 -21.02 -43.98 -3.11
CA LEU B 34 -19.57 -44.30 -3.05
C LEU B 34 -19.12 -44.86 -4.40
N GLY B 35 -17.99 -44.38 -4.93
CA GLY B 35 -17.45 -44.76 -6.25
C GLY B 35 -17.85 -43.80 -7.36
N THR B 36 -18.69 -42.79 -7.07
CA THR B 36 -19.09 -41.71 -8.00
C THR B 36 -18.67 -40.37 -7.39
N PHE B 37 -18.23 -39.44 -8.22
CA PHE B 37 -17.92 -38.04 -7.82
C PHE B 37 -18.87 -37.08 -8.55
N SER B 38 -19.04 -35.92 -7.96
CA SER B 38 -19.74 -34.75 -8.54
C SER B 38 -18.70 -33.73 -8.96
N ARG B 39 -18.94 -33.08 -10.09
CA ARG B 39 -18.10 -31.99 -10.61
C ARG B 39 -19.02 -30.81 -10.92
N TYR B 40 -18.75 -29.66 -10.32
CA TYR B 40 -19.38 -28.37 -10.69
C TYR B 40 -18.34 -27.58 -11.49
N GLU B 41 -18.71 -27.14 -12.68
CA GLU B 41 -17.80 -26.48 -13.65
C GLU B 41 -18.32 -25.11 -14.05
N SER B 42 -17.47 -24.09 -13.92
CA SER B 42 -17.70 -22.76 -14.52
C SER B 42 -16.56 -22.44 -15.48
N THR B 43 -16.89 -21.78 -16.58
CA THR B 43 -15.90 -21.45 -17.63
C THR B 43 -16.13 -20.05 -18.16
N ARG B 44 -15.05 -19.43 -18.59
CA ARG B 44 -15.09 -18.14 -19.30
C ARG B 44 -16.03 -18.27 -20.51
N SER B 45 -16.07 -19.44 -21.15
CA SER B 45 -16.91 -19.72 -22.35
C SER B 45 -18.39 -19.68 -21.96
N GLY B 46 -18.75 -19.86 -20.68
CA GLY B 46 -20.12 -19.54 -20.21
C GLY B 46 -20.78 -20.59 -19.35
N ARG B 47 -20.11 -21.68 -19.02
CA ARG B 47 -20.64 -22.70 -18.07
C ARG B 47 -20.68 -22.08 -16.67
N ARG B 48 -21.79 -22.26 -15.96
CA ARG B 48 -22.02 -21.62 -14.65
C ARG B 48 -22.38 -22.71 -13.65
N MET B 49 -21.40 -23.16 -12.90
CA MET B 49 -21.53 -24.21 -11.85
C MET B 49 -22.40 -25.37 -12.38
N GLU B 50 -22.11 -25.83 -13.60
CA GLU B 50 -22.85 -26.93 -14.25
C GLU B 50 -22.46 -28.23 -13.56
N LEU B 51 -23.43 -29.10 -13.28
CA LEU B 51 -23.20 -30.36 -12.56
C LEU B 51 -22.98 -31.48 -13.58
N SER B 52 -21.93 -32.27 -13.36
CA SER B 52 -21.68 -33.56 -14.05
C SER B 52 -21.21 -34.55 -12.99
N MET B 53 -21.21 -35.83 -13.31
N MET B 53 -21.20 -35.84 -13.32
CA MET B 53 -20.74 -36.90 -12.39
CA MET B 53 -20.76 -36.90 -12.39
C MET B 53 -19.81 -37.81 -13.15
C MET B 53 -19.83 -37.84 -13.15
N GLY B 54 -18.92 -38.49 -12.41
CA GLY B 54 -17.91 -39.38 -13.01
C GLY B 54 -17.62 -40.53 -12.08
N PRO B 55 -16.95 -41.56 -12.62
CA PRO B 55 -16.58 -42.72 -11.83
C PRO B 55 -15.27 -42.43 -11.08
N ILE B 56 -15.08 -43.09 -9.94
CA ILE B 56 -13.78 -43.18 -9.24
C ILE B 56 -13.22 -44.57 -9.51
N GLN B 57 -11.95 -44.64 -9.91
CA GLN B 57 -11.28 -45.87 -10.38
C GLN B 57 -10.43 -46.41 -9.23
N ALA B 58 -10.29 -47.73 -9.13
CA ALA B 58 -9.38 -48.38 -8.15
C ALA B 58 -7.92 -48.09 -8.55
N ASN B 59 -7.65 -47.89 -9.84
CA ASN B 59 -6.27 -47.85 -10.39
C ASN B 59 -6.05 -46.63 -11.28
N HIS B 60 -4.80 -46.24 -11.43
CA HIS B 60 -4.36 -45.15 -12.32
C HIS B 60 -2.96 -45.47 -12.88
N THR B 61 -2.77 -45.30 -14.19
CA THR B 61 -1.45 -45.33 -14.87
C THR B 61 -1.32 -44.07 -15.73
N GLY B 62 -0.13 -43.48 -15.75
CA GLY B 62 0.21 -42.33 -16.61
C GLY B 62 1.27 -41.44 -16.01
N THR B 63 1.73 -40.47 -16.79
CA THR B 63 2.78 -39.48 -16.43
C THR B 63 2.11 -38.12 -16.26
N GLY B 64 0.78 -38.06 -16.34
CA GLY B 64 0.00 -36.82 -16.20
C GLY B 64 0.05 -36.27 -14.78
N LEU B 65 -0.37 -35.01 -14.62
CA LEU B 65 -0.46 -34.33 -13.31
C LEU B 65 -1.36 -35.15 -12.40
N LEU B 66 -0.88 -35.51 -11.21
CA LEU B 66 -1.62 -36.20 -10.13
C LEU B 66 -1.63 -35.29 -8.89
N LEU B 67 -2.84 -34.98 -8.41
CA LEU B 67 -3.06 -34.31 -7.10
C LEU B 67 -3.48 -35.40 -6.11
N THR B 68 -2.72 -35.56 -5.02
CA THR B 68 -2.95 -36.58 -3.97
C THR B 68 -3.43 -35.90 -2.68
N LEU B 69 -4.66 -36.20 -2.27
CA LEU B 69 -5.26 -35.87 -0.96
C LEU B 69 -4.40 -36.53 0.14
N GLN B 70 -4.11 -35.78 1.20
CA GLN B 70 -3.48 -36.30 2.44
C GLN B 70 -4.49 -36.05 3.55
N PRO B 71 -5.51 -36.92 3.68
CA PRO B 71 -6.60 -36.70 4.62
C PRO B 71 -6.16 -36.72 6.11
N GLU B 72 -4.99 -37.26 6.42
CA GLU B 72 -4.44 -37.31 7.81
C GLU B 72 -3.67 -36.02 8.11
N GLN B 73 -3.30 -35.24 7.08
CA GLN B 73 -2.70 -33.90 7.23
C GLN B 73 -3.84 -32.89 7.35
N LYS B 74 -4.15 -32.48 8.58
CA LYS B 74 -5.33 -31.64 8.90
C LYS B 74 -4.87 -30.27 9.37
N PHE B 75 -5.51 -29.22 8.84
CA PHE B 75 -5.17 -27.81 9.10
C PHE B 75 -6.40 -27.14 9.71
N GLN B 76 -6.79 -25.97 9.21
CA GLN B 76 -7.78 -25.10 9.88
C GLN B 76 -9.20 -25.62 9.61
N LYS B 77 -10.10 -25.35 10.57
CA LYS B 77 -11.56 -25.52 10.37
C LYS B 77 -12.11 -24.22 9.82
N VAL B 78 -13.04 -24.30 8.87
CA VAL B 78 -13.60 -23.13 8.14
C VAL B 78 -14.73 -22.52 8.96
N LYS B 79 -14.75 -21.18 9.08
CA LYS B 79 -15.88 -20.43 9.66
C LYS B 79 -16.93 -20.21 8.55
N GLY B 80 -16.53 -19.65 7.41
CA GLY B 80 -17.44 -19.51 6.27
C GLY B 80 -17.12 -18.39 5.31
N PHE B 81 -18.13 -18.03 4.54
CA PHE B 81 -18.03 -17.15 3.36
C PHE B 81 -19.24 -16.25 3.34
N GLY B 82 -19.07 -15.03 2.87
CA GLY B 82 -20.23 -14.16 2.65
C GLY B 82 -19.85 -12.82 2.13
N GLY B 83 -20.61 -11.80 2.51
CA GLY B 83 -20.51 -10.44 1.94
C GLY B 83 -21.06 -9.40 2.89
N ALA B 84 -21.02 -8.13 2.50
CA ALA B 84 -21.27 -6.98 3.38
C ALA B 84 -22.64 -6.36 3.08
N MET B 85 -23.43 -6.16 4.13
CA MET B 85 -24.72 -5.45 4.02
C MET B 85 -24.47 -3.97 4.35
N THR B 86 -23.88 -3.25 3.40
CA THR B 86 -23.63 -1.80 3.47
C THR B 86 -24.94 -1.07 3.17
N ASP B 87 -25.00 0.24 3.41
CA ASP B 87 -26.15 1.09 2.99
C ASP B 87 -26.31 0.98 1.46
N ALA B 88 -25.22 1.00 0.71
CA ALA B 88 -25.26 0.92 -0.76
C ALA B 88 -25.89 -0.41 -1.16
N ALA B 89 -25.51 -1.54 -0.53
CA ALA B 89 -26.00 -2.87 -0.94
C ALA B 89 -27.50 -2.94 -0.65
N ALA B 90 -27.89 -2.47 0.52
CA ALA B 90 -29.32 -2.45 0.96
C ALA B 90 -30.15 -1.62 -0.01
N LEU B 91 -29.68 -0.44 -0.41
CA LEU B 91 -30.42 0.46 -1.34
C LEU B 91 -30.55 -0.22 -2.71
N ASN B 92 -29.49 -0.88 -3.17
CA ASN B 92 -29.50 -1.59 -4.46
C ASN B 92 -30.48 -2.78 -4.39
N ILE B 93 -30.46 -3.56 -3.31
CA ILE B 93 -31.36 -4.73 -3.19
C ILE B 93 -32.83 -4.24 -3.16
N LEU B 94 -33.11 -3.18 -2.41
CA LEU B 94 -34.48 -2.69 -2.19
C LEU B 94 -34.98 -1.90 -3.40
N ALA B 95 -34.10 -1.50 -4.33
CA ALA B 95 -34.48 -0.82 -5.59
C ALA B 95 -35.18 -1.78 -6.55
N LEU B 96 -34.98 -3.10 -6.39
CA LEU B 96 -35.64 -4.15 -7.19
C LEU B 96 -37.08 -4.31 -6.70
N SER B 97 -37.96 -4.83 -7.54
CA SER B 97 -39.32 -5.26 -7.12
C SER B 97 -39.15 -6.38 -6.11
N PRO B 98 -40.10 -6.59 -5.17
CA PRO B 98 -39.97 -7.64 -4.16
C PRO B 98 -39.67 -9.05 -4.68
N PRO B 99 -40.25 -9.52 -5.82
CA PRO B 99 -39.91 -10.84 -6.34
C PRO B 99 -38.42 -10.92 -6.74
N ALA B 100 -37.91 -9.90 -7.43
CA ALA B 100 -36.49 -9.81 -7.85
C ALA B 100 -35.60 -9.77 -6.59
N GLN B 101 -36.01 -9.03 -5.55
CA GLN B 101 -35.28 -8.98 -4.26
C GLN B 101 -35.09 -10.40 -3.72
N ASN B 102 -36.16 -11.20 -3.69
CA ASN B 102 -36.08 -12.52 -3.02
C ASN B 102 -35.22 -13.45 -3.89
N LEU B 103 -35.19 -13.27 -5.20
CA LEU B 103 -34.34 -14.11 -6.09
C LEU B 103 -32.88 -13.74 -5.88
N LEU B 104 -32.58 -12.46 -5.68
CA LEU B 104 -31.22 -11.99 -5.33
C LEU B 104 -30.80 -12.61 -3.98
N LEU B 105 -31.62 -12.45 -2.92
CA LEU B 105 -31.27 -12.98 -1.59
C LEU B 105 -31.16 -14.51 -1.66
N LYS B 106 -32.01 -15.19 -2.44
CA LYS B 106 -31.94 -16.66 -2.60
C LYS B 106 -30.65 -17.08 -3.29
N SER B 107 -30.23 -16.33 -4.30
CA SER B 107 -28.94 -16.54 -5.01
C SER B 107 -27.80 -16.66 -4.00
N TYR B 108 -27.78 -15.81 -3.00
CA TYR B 108 -26.67 -15.74 -2.01
C TYR B 108 -26.88 -16.72 -0.84
N PHE B 109 -28.10 -16.78 -0.28
CA PHE B 109 -28.30 -17.34 1.08
C PHE B 109 -29.00 -18.70 1.10
N SER B 110 -29.70 -19.11 0.05
CA SER B 110 -30.49 -20.37 0.03
C SER B 110 -29.61 -21.54 -0.46
N GLU B 111 -30.09 -22.77 -0.27
CA GLU B 111 -29.42 -23.98 -0.82
C GLU B 111 -29.64 -24.06 -2.33
N GLU B 112 -30.65 -23.36 -2.85
CA GLU B 112 -30.88 -23.23 -4.32
C GLU B 112 -29.89 -22.21 -4.88
N GLY B 113 -29.16 -21.54 -3.98
CA GLY B 113 -28.10 -20.58 -4.31
C GLY B 113 -26.76 -21.08 -3.83
N ILE B 114 -25.93 -20.19 -3.30
CA ILE B 114 -24.52 -20.54 -2.99
C ILE B 114 -24.26 -20.52 -1.48
N GLY B 115 -25.30 -20.52 -0.63
CA GLY B 115 -25.15 -20.89 0.79
C GLY B 115 -24.25 -20.00 1.62
N TYR B 116 -24.25 -18.67 1.39
CA TYR B 116 -23.53 -17.67 2.24
C TYR B 116 -23.88 -17.89 3.71
N ASN B 117 -22.91 -17.80 4.61
CA ASN B 117 -23.20 -17.94 6.06
C ASN B 117 -22.53 -16.82 6.88
N ILE B 118 -22.05 -15.77 6.22
CA ILE B 118 -21.44 -14.58 6.87
C ILE B 118 -22.05 -13.32 6.27
N ILE B 119 -22.41 -12.36 7.12
CA ILE B 119 -22.80 -10.99 6.70
C ILE B 119 -21.98 -10.03 7.57
N ARG B 120 -21.17 -9.21 6.92
CA ARG B 120 -20.46 -8.09 7.56
C ARG B 120 -21.38 -6.85 7.54
N VAL B 121 -21.48 -6.19 8.68
CA VAL B 121 -22.43 -5.07 8.89
C VAL B 121 -21.62 -3.86 9.33
N PRO B 122 -21.53 -2.77 8.52
CA PRO B 122 -20.90 -1.54 8.98
C PRO B 122 -21.64 -1.01 10.22
N MET B 123 -20.88 -0.65 11.26
CA MET B 123 -21.36 0.13 12.44
C MET B 123 -21.46 1.60 12.02
N ALA B 124 -22.65 1.97 11.58
CA ALA B 124 -23.02 3.30 11.04
C ALA B 124 -22.40 3.51 9.65
N SER B 125 -22.05 4.73 9.26
CA SER B 125 -21.79 5.07 7.84
C SER B 125 -20.35 4.69 7.43
N CYS B 126 -20.20 4.38 6.15
CA CYS B 126 -18.88 4.27 5.50
C CYS B 126 -18.98 4.97 4.14
N ASP B 127 -17.99 4.77 3.27
CA ASP B 127 -18.02 5.38 1.91
C ASP B 127 -19.25 4.86 1.16
N PHE B 128 -19.65 3.61 1.36
CA PHE B 128 -20.83 2.97 0.71
C PHE B 128 -22.08 3.29 1.52
N SER B 129 -22.24 4.59 1.75
CA SER B 129 -23.38 5.29 2.38
C SER B 129 -23.62 6.54 1.55
N ILE B 130 -24.83 7.05 1.54
CA ILE B 130 -25.18 8.27 0.77
C ILE B 130 -25.21 9.47 1.73
N ARG B 131 -25.07 9.23 3.03
CA ARG B 131 -24.90 10.35 3.99
C ARG B 131 -23.98 9.89 5.13
N THR B 132 -23.31 10.85 5.74
CA THR B 132 -22.34 10.57 6.82
C THR B 132 -23.10 10.76 8.13
N TYR B 133 -22.98 9.78 9.01
CA TYR B 133 -23.69 9.76 10.31
C TYR B 133 -22.94 8.74 11.16
N THR B 134 -23.00 8.90 12.47
CA THR B 134 -22.67 7.84 13.44
C THR B 134 -23.94 7.57 14.23
N TYR B 135 -23.87 6.68 15.19
CA TYR B 135 -25.02 6.37 16.08
C TYR B 135 -25.09 7.39 17.23
N ALA B 136 -24.10 8.29 17.38
CA ALA B 136 -24.06 9.23 18.52
C ALA B 136 -23.49 10.59 18.10
N ASP B 137 -24.21 11.31 17.22
CA ASP B 137 -23.74 12.58 16.61
C ASP B 137 -24.08 13.80 17.50
N THR B 138 -24.95 13.65 18.50
CA THR B 138 -25.17 14.70 19.52
C THR B 138 -23.82 15.02 20.19
N PRO B 139 -23.28 16.25 20.07
CA PRO B 139 -21.94 16.56 20.58
C PRO B 139 -21.73 16.30 22.08
N ASP B 140 -20.53 15.80 22.41
CA ASP B 140 -20.01 15.56 23.78
C ASP B 140 -20.98 14.71 24.60
N ASP B 141 -21.66 13.75 23.96
CA ASP B 141 -22.65 12.86 24.63
C ASP B 141 -21.90 11.64 25.21
N PHE B 142 -21.03 11.88 26.19
CA PHE B 142 -20.14 10.82 26.76
C PHE B 142 -20.97 9.75 27.45
N GLN B 143 -22.17 10.10 27.91
CA GLN B 143 -23.12 9.15 28.55
C GLN B 143 -23.75 8.26 27.46
N LEU B 144 -23.68 8.69 26.20
CA LEU B 144 -24.34 8.06 25.02
C LEU B 144 -25.84 7.93 25.29
N HIS B 145 -26.43 8.98 25.87
CA HIS B 145 -27.90 9.10 26.07
C HIS B 145 -28.61 9.22 24.72
N ASN B 146 -27.95 9.77 23.70
CA ASN B 146 -28.56 10.07 22.39
C ASN B 146 -28.06 9.08 21.32
N PHE B 147 -27.47 7.96 21.75
CA PHE B 147 -27.13 6.81 20.87
C PHE B 147 -28.44 6.30 20.27
N SER B 148 -28.48 6.14 18.96
CA SER B 148 -29.70 5.56 18.30
C SER B 148 -29.36 5.07 16.89
N LEU B 149 -30.07 4.03 16.47
CA LEU B 149 -29.99 3.52 15.09
C LEU B 149 -30.91 4.36 14.23
N PRO B 150 -30.39 4.92 13.13
CA PRO B 150 -31.23 5.60 12.14
C PRO B 150 -31.92 4.61 11.21
N GLU B 151 -32.66 5.12 10.22
CA GLU B 151 -33.48 4.28 9.31
C GLU B 151 -32.58 3.44 8.39
N GLU B 152 -31.35 3.85 8.12
CA GLU B 152 -30.39 3.02 7.35
C GLU B 152 -30.29 1.63 8.00
N ASP B 153 -30.28 1.56 9.32
CA ASP B 153 -30.29 0.28 10.09
C ASP B 153 -31.73 -0.25 10.18
N THR B 154 -32.65 0.54 10.72
CA THR B 154 -33.97 0.01 11.19
C THR B 154 -34.90 -0.28 10.01
N LYS B 155 -34.80 0.46 8.90
CA LYS B 155 -35.68 0.28 7.72
C LYS B 155 -34.97 -0.47 6.58
N LEU B 156 -33.65 -0.38 6.42
CA LEU B 156 -32.91 -0.95 5.26
C LEU B 156 -32.16 -2.23 5.67
N LYS B 157 -31.09 -2.10 6.45
CA LYS B 157 -30.13 -3.19 6.75
C LYS B 157 -30.81 -4.27 7.58
N ILE B 158 -31.45 -3.91 8.70
CA ILE B 158 -31.91 -4.93 9.67
C ILE B 158 -33.00 -5.80 9.04
N PRO B 159 -34.02 -5.25 8.34
CA PRO B 159 -35.03 -6.09 7.70
C PRO B 159 -34.45 -7.03 6.63
N LEU B 160 -33.45 -6.55 5.87
CA LEU B 160 -32.81 -7.36 4.81
C LEU B 160 -32.00 -8.48 5.48
N ILE B 161 -31.29 -8.18 6.57
CA ILE B 161 -30.55 -9.24 7.33
C ILE B 161 -31.55 -10.30 7.82
N HIS B 162 -32.66 -9.91 8.45
CA HIS B 162 -33.69 -10.89 8.89
C HIS B 162 -34.11 -11.76 7.72
N ARG B 163 -34.36 -11.18 6.54
CA ARG B 163 -34.79 -11.94 5.33
C ARG B 163 -33.72 -12.92 4.89
N ALA B 164 -32.44 -12.52 4.89
CA ALA B 164 -31.31 -13.41 4.54
C ALA B 164 -31.27 -14.62 5.47
N LEU B 165 -31.35 -14.39 6.78
N LEU B 165 -31.38 -14.39 6.78
CA LEU B 165 -31.33 -15.43 7.84
CA LEU B 165 -31.28 -15.44 7.82
C LEU B 165 -32.43 -16.46 7.58
C LEU B 165 -32.46 -16.43 7.69
N GLN B 166 -33.63 -15.98 7.23
CA GLN B 166 -34.82 -16.86 7.04
C GLN B 166 -34.62 -17.73 5.79
N LEU B 167 -33.97 -17.20 4.74
CA LEU B 167 -33.73 -17.96 3.50
C LEU B 167 -32.59 -18.97 3.70
N ALA B 168 -31.66 -18.69 4.62
CA ALA B 168 -30.47 -19.53 4.87
C ALA B 168 -30.92 -20.74 5.69
N GLN B 169 -30.50 -21.94 5.30
CA GLN B 169 -30.75 -23.16 6.09
C GLN B 169 -29.52 -23.41 6.98
N ARG B 170 -28.40 -22.80 6.64
CA ARG B 170 -27.16 -22.81 7.45
C ARG B 170 -27.25 -21.68 8.47
N PRO B 171 -26.73 -21.86 9.71
CA PRO B 171 -26.64 -20.76 10.67
C PRO B 171 -25.75 -19.65 10.09
N VAL B 172 -26.22 -18.40 10.13
CA VAL B 172 -25.49 -17.23 9.57
C VAL B 172 -24.82 -16.50 10.72
N SER B 173 -23.55 -16.15 10.53
CA SER B 173 -22.76 -15.36 11.50
C SER B 173 -22.68 -13.91 11.04
N LEU B 174 -23.06 -12.96 11.91
CA LEU B 174 -22.96 -11.51 11.64
C LEU B 174 -21.63 -10.98 12.18
N LEU B 175 -20.94 -10.16 11.39
CA LEU B 175 -19.64 -9.54 11.75
C LEU B 175 -19.82 -8.03 11.66
N ALA B 176 -19.60 -7.28 12.74
CA ALA B 176 -19.74 -5.81 12.76
C ALA B 176 -18.36 -5.15 12.72
N SER B 177 -18.23 -4.04 12.00
CA SER B 177 -16.99 -3.25 11.88
C SER B 177 -17.33 -1.78 11.83
N PRO B 178 -16.70 -0.91 12.67
CA PRO B 178 -16.83 0.53 12.56
C PRO B 178 -15.77 1.18 11.65
N TRP B 179 -16.19 2.21 10.91
CA TRP B 179 -15.27 3.06 10.12
C TRP B 179 -14.86 4.28 10.96
N THR B 180 -15.81 5.09 11.44
CA THR B 180 -15.50 6.24 12.32
C THR B 180 -16.32 6.19 13.60
N SER B 181 -15.74 6.77 14.64
CA SER B 181 -16.45 7.22 15.86
C SER B 181 -17.13 8.55 15.59
N PRO B 182 -18.07 8.96 16.49
CA PRO B 182 -18.49 10.35 16.58
C PRO B 182 -17.25 11.27 16.49
N THR B 183 -17.42 12.37 15.78
CA THR B 183 -16.32 13.34 15.48
C THR B 183 -15.84 14.00 16.77
N TRP B 184 -16.71 14.11 17.79
CA TRP B 184 -16.41 14.76 19.09
C TRP B 184 -15.54 13.83 19.94
N LEU B 185 -15.27 12.59 19.49
CA LEU B 185 -14.28 11.72 20.17
C LEU B 185 -12.94 11.79 19.42
N LYS B 186 -12.85 12.55 18.34
CA LYS B 186 -11.65 12.47 17.43
C LYS B 186 -10.78 13.72 17.55
N THR B 187 -9.48 13.55 17.35
CA THR B 187 -8.46 14.62 17.43
C THR B 187 -8.72 15.67 16.36
N ASN B 188 -9.34 15.28 15.24
CA ASN B 188 -9.51 16.16 14.05
C ASN B 188 -10.97 16.62 13.89
N GLY B 189 -11.89 16.15 14.74
CA GLY B 189 -13.31 16.54 14.72
C GLY B 189 -13.97 16.34 13.36
N ALA B 190 -13.57 15.31 12.60
CA ALA B 190 -14.14 15.00 11.26
C ALA B 190 -14.27 13.48 11.11
N VAL B 191 -15.18 13.05 10.25
CA VAL B 191 -15.48 11.60 10.03
C VAL B 191 -14.31 10.97 9.24
N ASN B 192 -13.61 11.79 8.46
CA ASN B 192 -12.50 11.35 7.57
C ASN B 192 -11.22 12.08 7.96
N GLY B 193 -10.19 12.01 7.11
CA GLY B 193 -8.90 12.69 7.36
C GLY B 193 -8.05 11.96 8.36
N LYS B 194 -6.81 12.43 8.55
CA LYS B 194 -5.89 11.89 9.55
C LYS B 194 -6.39 12.26 10.95
N GLY B 195 -6.68 11.26 11.77
CA GLY B 195 -7.26 11.50 13.10
C GLY B 195 -7.48 10.21 13.86
N SER B 196 -7.30 10.25 15.17
CA SER B 196 -7.50 9.12 16.09
C SER B 196 -8.52 9.52 17.14
N LEU B 197 -8.81 8.61 18.05
CA LEU B 197 -9.49 8.99 19.31
C LEU B 197 -8.61 9.99 20.06
N LYS B 198 -9.23 10.95 20.73
CA LYS B 198 -8.51 11.92 21.60
C LYS B 198 -7.93 11.16 22.78
N GLY B 199 -6.90 11.72 23.41
CA GLY B 199 -6.37 11.17 24.67
C GLY B 199 -5.66 9.86 24.46
N GLN B 200 -5.88 8.91 25.35
CA GLN B 200 -5.12 7.64 25.37
C GLN B 200 -6.01 6.53 25.91
N PRO B 201 -5.79 5.28 25.46
CA PRO B 201 -6.48 4.12 26.01
C PRO B 201 -6.56 4.18 27.55
N GLY B 202 -7.74 3.84 28.08
CA GLY B 202 -8.09 3.81 29.50
C GLY B 202 -8.73 5.11 29.97
N ASP B 203 -8.92 6.10 29.08
CA ASP B 203 -9.43 7.45 29.43
C ASP B 203 -10.91 7.56 29.06
N ILE B 204 -11.52 8.73 29.25
CA ILE B 204 -12.99 8.92 29.05
C ILE B 204 -13.32 8.64 27.57
N TYR B 205 -12.46 9.09 26.64
CA TYR B 205 -12.76 9.04 25.18
C TYR B 205 -12.81 7.57 24.77
N HIS B 206 -11.83 6.78 25.24
CA HIS B 206 -11.65 5.36 24.87
C HIS B 206 -12.72 4.53 25.57
N GLN B 207 -13.08 4.88 26.80
CA GLN B 207 -14.19 4.22 27.55
C GLN B 207 -15.52 4.44 26.84
N THR B 208 -15.81 5.67 26.40
CA THR B 208 -17.04 6.01 25.63
C THR B 208 -17.06 5.20 24.32
N TRP B 209 -15.94 5.14 23.62
CA TRP B 209 -15.89 4.45 22.31
C TRP B 209 -16.17 2.97 22.54
N ALA B 210 -15.60 2.37 23.58
CA ALA B 210 -15.84 0.95 23.87
C ALA B 210 -17.32 0.75 24.24
N ARG B 211 -17.90 1.67 25.00
CA ARG B 211 -19.33 1.58 25.40
C ARG B 211 -20.22 1.65 24.15
N TYR B 212 -19.80 2.39 23.13
CA TYR B 212 -20.54 2.54 21.84
C TYR B 212 -20.70 1.15 21.19
N PHE B 213 -19.67 0.30 21.26
CA PHE B 213 -19.76 -1.09 20.71
C PHE B 213 -20.89 -1.82 21.44
N VAL B 214 -20.94 -1.71 22.77
CA VAL B 214 -22.00 -2.39 23.59
C VAL B 214 -23.38 -1.83 23.21
N LYS B 215 -23.49 -0.50 23.07
N LYS B 215 -23.48 -0.50 23.07
CA LYS B 215 -24.77 0.15 22.71
CA LYS B 215 -24.74 0.17 22.70
C LYS B 215 -25.21 -0.33 21.32
C LYS B 215 -25.20 -0.33 21.33
N PHE B 216 -24.26 -0.44 20.38
CA PHE B 216 -24.53 -1.00 19.04
C PHE B 216 -25.12 -2.41 19.18
N LEU B 217 -24.47 -3.29 19.96
CA LEU B 217 -24.91 -4.70 20.09
C LEU B 217 -26.24 -4.73 20.84
N ASP B 218 -26.45 -3.84 21.82
CA ASP B 218 -27.75 -3.75 22.54
C ASP B 218 -28.87 -3.40 21.55
N ALA B 219 -28.66 -2.38 20.71
CA ALA B 219 -29.67 -1.88 19.73
C ALA B 219 -30.01 -2.97 18.72
N TYR B 220 -29.01 -3.64 18.17
CA TYR B 220 -29.25 -4.75 17.20
C TYR B 220 -30.01 -5.87 17.91
N ALA B 221 -29.68 -6.17 19.18
CA ALA B 221 -30.42 -7.18 19.98
C ALA B 221 -31.89 -6.75 20.20
N GLU B 222 -32.17 -5.45 20.37
CA GLU B 222 -33.59 -4.96 20.45
C GLU B 222 -34.34 -5.36 19.17
N HIS B 223 -33.62 -5.45 18.04
CA HIS B 223 -34.18 -5.79 16.71
C HIS B 223 -34.01 -7.29 16.42
N LYS B 224 -33.70 -8.07 17.45
CA LYS B 224 -33.64 -9.56 17.42
C LYS B 224 -32.50 -10.05 16.52
N LEU B 225 -31.35 -9.37 16.53
CA LEU B 225 -30.14 -9.82 15.80
C LEU B 225 -29.00 -9.92 16.82
N GLN B 226 -28.21 -10.98 16.75
CA GLN B 226 -27.03 -11.24 17.62
C GLN B 226 -25.82 -11.37 16.71
N PHE B 227 -24.67 -10.88 17.17
CA PHE B 227 -23.41 -10.91 16.40
C PHE B 227 -22.56 -12.11 16.82
N TRP B 228 -21.85 -12.66 15.83
CA TRP B 228 -20.78 -13.65 16.02
C TRP B 228 -19.51 -12.92 16.49
N ALA B 229 -19.19 -11.80 15.85
CA ALA B 229 -17.91 -11.11 16.07
C ALA B 229 -18.03 -9.62 15.75
N VAL B 230 -17.09 -8.83 16.28
CA VAL B 230 -16.84 -7.44 15.84
C VAL B 230 -15.34 -7.35 15.52
N THR B 231 -14.95 -6.43 14.65
CA THR B 231 -13.53 -6.04 14.49
C THR B 231 -13.27 -4.80 15.34
N ALA B 232 -12.02 -4.58 15.73
CA ALA B 232 -11.61 -3.47 16.62
C ALA B 232 -11.69 -2.13 15.88
N GLU B 233 -11.74 -2.15 14.54
CA GLU B 233 -11.81 -0.96 13.64
C GLU B 233 -11.61 -1.45 12.21
N ASN B 234 -12.34 -0.89 11.25
CA ASN B 234 -12.09 -1.14 9.82
C ASN B 234 -10.80 -0.40 9.43
N GLU B 235 -9.83 -1.10 8.88
CA GLU B 235 -8.58 -0.49 8.33
C GLU B 235 -8.09 0.63 9.23
N PRO B 236 -7.65 0.34 10.47
CA PRO B 236 -7.13 1.38 11.37
C PRO B 236 -5.96 2.18 10.80
N SER B 237 -5.15 1.64 9.89
CA SER B 237 -4.02 2.40 9.30
C SER B 237 -4.53 3.56 8.41
N ALA B 238 -5.78 3.54 7.92
CA ALA B 238 -6.32 4.60 7.02
C ALA B 238 -6.33 5.96 7.76
N GLY B 239 -6.68 5.94 9.04
CA GLY B 239 -6.78 7.15 9.87
C GLY B 239 -5.43 7.77 10.15
N LEU B 240 -4.33 7.13 9.74
CA LEU B 240 -2.96 7.65 9.94
C LEU B 240 -2.50 8.41 8.71
N LEU B 241 -3.35 8.48 7.68
CA LEU B 241 -3.00 9.02 6.34
C LEU B 241 -3.63 10.40 6.13
N SER B 242 -2.79 11.41 5.88
CA SER B 242 -3.19 12.80 5.53
C SER B 242 -4.29 12.80 4.46
N GLY B 243 -5.41 13.46 4.74
CA GLY B 243 -6.50 13.69 3.78
C GLY B 243 -7.31 12.45 3.46
N TYR B 244 -7.20 11.37 4.25
CA TYR B 244 -7.92 10.10 3.98
C TYR B 244 -9.39 10.46 3.68
N PRO B 245 -9.91 10.07 2.50
CA PRO B 245 -11.09 10.72 1.94
C PRO B 245 -12.44 10.34 2.57
N PHE B 246 -12.52 9.20 3.24
CA PHE B 246 -13.82 8.75 3.81
C PHE B 246 -13.62 8.27 5.25
N GLN B 247 -14.71 7.83 5.86
CA GLN B 247 -14.80 7.55 7.30
C GLN B 247 -13.66 6.64 7.72
N CYS B 248 -12.96 7.02 8.78
CA CYS B 248 -11.82 6.25 9.30
C CYS B 248 -11.53 6.64 10.74
N LEU B 249 -10.66 5.89 11.39
CA LEU B 249 -10.28 6.18 12.79
C LEU B 249 -8.92 5.53 13.00
N GLY B 250 -7.88 6.36 13.07
CA GLY B 250 -6.48 5.91 13.02
C GLY B 250 -6.07 5.23 14.31
N PHE B 251 -5.51 4.03 14.22
CA PHE B 251 -4.74 3.37 15.30
C PHE B 251 -3.43 2.81 14.75
N THR B 252 -2.34 3.10 15.46
CA THR B 252 -1.08 2.32 15.39
C THR B 252 -1.33 0.96 16.04
N PRO B 253 -0.50 -0.06 15.79
CA PRO B 253 -0.70 -1.36 16.46
C PRO B 253 -0.64 -1.23 18.00
N GLU B 254 0.20 -0.32 18.51
CA GLU B 254 0.34 -0.12 19.99
C GLU B 254 -0.97 0.46 20.53
N HIS B 255 -1.54 1.44 19.81
CA HIS B 255 -2.83 2.09 20.17
C HIS B 255 -3.92 1.01 20.19
N GLN B 256 -3.96 0.16 19.16
CA GLN B 256 -5.00 -0.89 19.09
C GLN B 256 -4.80 -1.86 20.27
N ARG B 257 -3.55 -2.25 20.53
CA ARG B 257 -3.18 -3.13 21.67
C ARG B 257 -3.77 -2.56 22.96
N ASP B 258 -3.53 -1.28 23.21
CA ASP B 258 -3.85 -0.65 24.53
C ASP B 258 -5.36 -0.39 24.58
N PHE B 259 -5.97 -0.09 23.45
CA PHE B 259 -7.44 0.11 23.39
C PHE B 259 -8.15 -1.21 23.76
N ILE B 260 -7.65 -2.32 23.21
CA ILE B 260 -8.27 -3.66 23.40
C ILE B 260 -8.08 -4.09 24.86
N ALA B 261 -6.86 -3.96 25.38
CA ALA B 261 -6.49 -4.37 26.75
C ALA B 261 -7.30 -3.58 27.79
N ARG B 262 -7.48 -2.27 27.60
CA ARG B 262 -7.93 -1.35 28.69
C ARG B 262 -9.43 -1.06 28.54
N ASP B 263 -9.95 -1.05 27.32
CA ASP B 263 -11.30 -0.49 27.03
C ASP B 263 -12.17 -1.57 26.39
N LEU B 264 -11.88 -1.96 25.15
CA LEU B 264 -12.84 -2.74 24.33
C LEU B 264 -12.99 -4.16 24.91
N GLY B 265 -11.88 -4.82 25.20
CA GLY B 265 -11.87 -6.17 25.77
C GLY B 265 -12.68 -6.22 27.06
N PRO B 266 -12.26 -5.51 28.12
CA PRO B 266 -12.99 -5.55 29.39
C PRO B 266 -14.46 -5.11 29.26
N THR B 267 -14.75 -4.12 28.42
CA THR B 267 -16.11 -3.57 28.28
C THR B 267 -17.02 -4.63 27.68
N LEU B 268 -16.60 -5.27 26.58
CA LEU B 268 -17.39 -6.38 25.97
C LEU B 268 -17.51 -7.53 26.98
N ALA B 269 -16.43 -7.82 27.71
CA ALA B 269 -16.35 -9.02 28.59
C ALA B 269 -17.33 -8.84 29.76
N ASN B 270 -17.54 -7.60 30.20
CA ASN B 270 -18.41 -7.24 31.36
C ASN B 270 -19.81 -6.90 30.86
N SER B 271 -20.21 -7.37 29.68
CA SER B 271 -21.52 -7.05 29.06
C SER B 271 -22.26 -8.37 28.80
N THR B 272 -23.54 -8.29 28.46
CA THR B 272 -24.33 -9.48 28.04
C THR B 272 -23.79 -10.01 26.71
N HIS B 273 -22.89 -9.27 26.04
CA HIS B 273 -22.31 -9.64 24.71
C HIS B 273 -20.93 -10.29 24.87
N HIS B 274 -20.60 -10.82 26.04
CA HIS B 274 -19.25 -11.36 26.35
C HIS B 274 -18.89 -12.52 25.41
N ASN B 275 -19.88 -13.25 24.88
CA ASN B 275 -19.61 -14.37 23.93
C ASN B 275 -19.30 -13.86 22.52
N VAL B 276 -19.54 -12.58 22.19
CA VAL B 276 -19.25 -12.03 20.84
C VAL B 276 -17.71 -12.04 20.67
N ARG B 277 -17.21 -12.50 19.53
CA ARG B 277 -15.75 -12.59 19.29
C ARG B 277 -15.20 -11.21 18.92
N LEU B 278 -13.94 -10.98 19.28
CA LEU B 278 -13.21 -9.75 18.90
C LEU B 278 -12.09 -10.11 17.93
N LEU B 279 -12.14 -9.51 16.75
CA LEU B 279 -11.08 -9.65 15.72
C LEU B 279 -10.28 -8.36 15.67
N MET B 280 -8.96 -8.51 15.66
CA MET B 280 -8.03 -7.39 15.53
C MET B 280 -7.61 -7.18 14.07
N LEU B 281 -6.92 -6.07 13.81
CA LEU B 281 -6.33 -5.66 12.51
C LEU B 281 -7.43 -5.20 11.55
N ASP B 282 -8.16 -6.11 10.89
CA ASP B 282 -9.19 -5.74 9.88
C ASP B 282 -8.55 -4.82 8.84
N ASP B 283 -7.40 -5.23 8.31
CA ASP B 283 -6.51 -4.36 7.53
C ASP B 283 -5.61 -5.23 6.66
N GLN B 284 -4.72 -4.59 5.91
CA GLN B 284 -3.92 -5.26 4.84
C GLN B 284 -2.99 -6.29 5.48
N ARG B 285 -2.84 -7.45 4.85
CA ARG B 285 -2.09 -8.58 5.45
C ARG B 285 -0.59 -8.26 5.50
N LEU B 286 -0.10 -7.27 4.74
CA LEU B 286 1.33 -6.82 4.86
C LEU B 286 1.63 -6.34 6.30
N LEU B 287 0.61 -6.01 7.08
CA LEU B 287 0.80 -5.54 8.48
C LEU B 287 1.10 -6.73 9.40
N LEU B 288 1.04 -7.95 8.86
CA LEU B 288 1.37 -9.20 9.60
C LEU B 288 2.77 -9.65 9.21
N PRO B 289 3.57 -10.26 10.11
CA PRO B 289 3.15 -10.57 11.47
C PRO B 289 3.31 -9.42 12.49
N HIS B 290 3.78 -8.23 12.09
CA HIS B 290 4.11 -7.13 13.03
C HIS B 290 2.93 -6.82 13.96
N TRP B 291 1.75 -6.55 13.42
CA TRP B 291 0.57 -6.20 14.26
C TRP B 291 0.24 -7.32 15.24
N ALA B 292 0.31 -8.57 14.81
CA ALA B 292 0.06 -9.76 15.67
C ALA B 292 1.06 -9.76 16.83
N LYS B 293 2.35 -9.50 16.55
CA LYS B 293 3.39 -9.47 17.61
C LYS B 293 3.06 -8.34 18.59
N VAL B 294 2.75 -7.16 18.08
CA VAL B 294 2.55 -5.97 18.96
C VAL B 294 1.35 -6.26 19.88
N VAL B 295 0.23 -6.74 19.32
CA VAL B 295 -1.00 -6.94 20.12
C VAL B 295 -0.89 -8.21 21.00
N LEU B 296 -0.51 -9.35 20.42
CA LEU B 296 -0.73 -10.66 21.08
C LEU B 296 0.40 -10.97 22.06
N THR B 297 1.51 -10.24 22.05
CA THR B 297 2.60 -10.47 23.03
C THR B 297 2.27 -9.74 24.34
N ASP B 298 1.25 -8.88 24.35
CA ASP B 298 0.66 -8.31 25.58
C ASP B 298 -0.44 -9.25 26.08
N PRO B 299 -0.22 -9.97 27.21
CA PRO B 299 -1.23 -10.87 27.75
C PRO B 299 -2.59 -10.21 28.03
N GLU B 300 -2.59 -8.94 28.42
CA GLU B 300 -3.83 -8.18 28.75
C GLU B 300 -4.63 -7.87 27.48
N ALA B 301 -3.99 -7.75 26.30
CA ALA B 301 -4.70 -7.62 25.01
C ALA B 301 -5.05 -9.01 24.46
N ALA B 302 -4.10 -9.94 24.48
CA ALA B 302 -4.23 -11.29 23.89
C ALA B 302 -5.47 -12.01 24.46
N LYS B 303 -5.80 -11.84 25.75
CA LYS B 303 -6.89 -12.62 26.40
C LYS B 303 -8.24 -12.24 25.79
N TYR B 304 -8.32 -11.14 25.04
CA TYR B 304 -9.60 -10.65 24.47
C TYR B 304 -9.69 -10.90 22.96
N VAL B 305 -8.58 -11.23 22.30
CA VAL B 305 -8.51 -11.30 20.81
C VAL B 305 -8.74 -12.74 20.37
N HIS B 306 -9.85 -12.99 19.68
CA HIS B 306 -10.21 -14.31 19.11
C HIS B 306 -9.40 -14.57 17.83
N GLY B 307 -9.22 -13.54 17.01
CA GLY B 307 -8.75 -13.73 15.63
C GLY B 307 -8.24 -12.46 15.01
N ILE B 308 -7.69 -12.61 13.82
CA ILE B 308 -7.06 -11.50 13.04
C ILE B 308 -7.80 -11.45 11.72
N ALA B 309 -8.41 -10.30 11.42
CA ALA B 309 -9.13 -10.06 10.16
C ALA B 309 -8.18 -9.37 9.18
N VAL B 310 -8.19 -9.81 7.92
CA VAL B 310 -7.30 -9.26 6.87
C VAL B 310 -8.15 -8.81 5.69
N HIS B 311 -7.71 -7.73 5.05
CA HIS B 311 -8.25 -7.20 3.78
C HIS B 311 -7.25 -7.54 2.66
N TRP B 312 -7.72 -7.62 1.42
CA TRP B 312 -6.93 -8.20 0.30
C TRP B 312 -6.21 -7.13 -0.56
N TYR B 313 -6.38 -5.84 -0.31
CA TYR B 313 -6.17 -4.75 -1.31
C TYR B 313 -4.69 -4.65 -1.69
N LEU B 314 -3.77 -4.95 -0.78
CA LEU B 314 -2.31 -4.83 -1.05
C LEU B 314 -1.66 -6.21 -0.99
N ASP B 315 -2.40 -7.28 -1.31
CA ASP B 315 -1.89 -8.67 -1.32
C ASP B 315 -0.68 -8.81 -2.27
N PHE B 316 -0.64 -8.05 -3.36
CA PHE B 316 0.47 -8.11 -4.35
C PHE B 316 1.80 -7.77 -3.65
N LEU B 317 1.77 -6.96 -2.59
CA LEU B 317 2.98 -6.53 -1.83
C LEU B 317 3.38 -7.67 -0.87
N ALA B 318 2.46 -8.54 -0.47
CA ALA B 318 2.52 -9.32 0.79
C ALA B 318 2.41 -10.82 0.52
N PRO B 319 3.53 -11.50 0.22
CA PRO B 319 3.54 -12.95 0.02
C PRO B 319 2.88 -13.67 1.20
N ALA B 320 1.95 -14.59 0.92
CA ALA B 320 1.15 -15.34 1.92
C ALA B 320 2.08 -16.01 2.95
N LYS B 321 3.19 -16.61 2.52
CA LYS B 321 4.09 -17.33 3.46
C LYS B 321 4.65 -16.37 4.50
N ALA B 322 5.08 -15.17 4.09
CA ALA B 322 5.80 -14.20 4.96
C ALA B 322 4.83 -13.47 5.90
N THR B 323 3.52 -13.57 5.67
CA THR B 323 2.49 -12.78 6.38
C THR B 323 1.56 -13.73 7.12
N LEU B 324 0.65 -14.37 6.40
CA LEU B 324 -0.31 -15.36 6.98
C LEU B 324 0.48 -16.53 7.57
N GLY B 325 1.45 -17.10 6.82
CA GLY B 325 2.22 -18.28 7.27
C GLY B 325 2.97 -18.03 8.58
N GLU B 326 3.75 -16.95 8.61
CA GLU B 326 4.55 -16.54 9.79
C GLU B 326 3.60 -16.23 10.98
N THR B 327 2.48 -15.58 10.72
CA THR B 327 1.50 -15.26 11.79
C THR B 327 0.96 -16.58 12.37
N HIS B 328 0.62 -17.54 11.52
CA HIS B 328 0.13 -18.87 11.96
C HIS B 328 1.23 -19.59 12.76
N ARG B 329 2.48 -19.55 12.28
CA ARG B 329 3.61 -20.20 12.98
C ARG B 329 3.69 -19.66 14.42
N LEU B 330 3.61 -18.34 14.57
CA LEU B 330 3.87 -17.63 15.85
C LEU B 330 2.63 -17.71 16.75
N PHE B 331 1.43 -17.65 16.17
CA PHE B 331 0.15 -17.53 16.91
C PHE B 331 -0.85 -18.54 16.35
N PRO B 332 -0.56 -19.85 16.45
CA PRO B 332 -1.36 -20.87 15.77
C PRO B 332 -2.79 -21.02 16.32
N ASN B 333 -3.04 -20.56 17.54
CA ASN B 333 -4.39 -20.63 18.19
C ASN B 333 -5.18 -19.34 17.96
N THR B 334 -4.69 -18.41 17.16
CA THR B 334 -5.41 -17.15 16.82
C THR B 334 -5.77 -17.22 15.34
N MET B 335 -7.04 -17.47 15.06
CA MET B 335 -7.53 -17.74 13.69
C MET B 335 -7.29 -16.51 12.83
N LEU B 336 -7.00 -16.74 11.55
CA LEU B 336 -6.92 -15.71 10.49
C LEU B 336 -8.18 -15.77 9.66
N PHE B 337 -8.75 -14.62 9.32
CA PHE B 337 -10.07 -14.50 8.65
C PHE B 337 -10.00 -13.33 7.65
N ALA B 338 -10.34 -13.56 6.38
CA ALA B 338 -10.39 -12.49 5.35
C ALA B 338 -11.75 -11.83 5.43
N SER B 339 -11.79 -10.55 5.80
CA SER B 339 -13.03 -9.83 6.20
C SER B 339 -13.50 -8.88 5.10
N GLU B 340 -12.68 -8.59 4.09
CA GLU B 340 -13.12 -7.65 3.02
C GLU B 340 -12.23 -7.75 1.78
N ALA B 341 -12.89 -7.76 0.63
CA ALA B 341 -12.27 -7.76 -0.72
C ALA B 341 -13.26 -7.13 -1.70
N CYS B 342 -12.75 -6.37 -2.66
CA CYS B 342 -13.47 -5.97 -3.90
C CYS B 342 -12.44 -5.57 -4.96
N VAL B 343 -12.82 -5.67 -6.24
CA VAL B 343 -12.03 -5.06 -7.36
C VAL B 343 -12.64 -3.70 -7.68
N GLY B 344 -11.80 -2.71 -8.02
CA GLY B 344 -12.24 -1.40 -8.54
C GLY B 344 -11.84 -0.22 -7.67
N SER B 345 -11.23 -0.44 -6.50
CA SER B 345 -10.82 0.62 -5.56
C SER B 345 -9.50 1.29 -5.98
N LYS B 346 -8.72 0.71 -6.88
CA LYS B 346 -7.48 1.36 -7.41
C LYS B 346 -7.89 2.36 -8.50
N PHE B 347 -7.21 3.49 -8.62
CA PHE B 347 -7.67 4.67 -9.41
C PHE B 347 -7.73 4.34 -10.91
N TRP B 348 -6.94 3.36 -11.37
CA TRP B 348 -6.86 2.97 -12.80
C TRP B 348 -7.91 1.90 -13.10
N GLU B 349 -8.50 1.30 -12.08
CA GLU B 349 -9.44 0.16 -12.26
C GLU B 349 -10.80 0.74 -12.62
N GLN B 350 -11.37 0.30 -13.73
CA GLN B 350 -12.77 0.58 -14.08
C GLN B 350 -13.61 0.01 -12.92
N SER B 351 -14.59 0.77 -12.45
CA SER B 351 -15.41 0.43 -11.26
C SER B 351 -16.10 -0.90 -11.52
N VAL B 352 -16.89 -0.98 -12.59
CA VAL B 352 -17.69 -2.17 -12.96
C VAL B 352 -17.31 -2.62 -14.37
N ARG B 353 -16.93 -3.89 -14.52
CA ARG B 353 -16.69 -4.57 -15.83
C ARG B 353 -17.65 -5.75 -15.93
N LEU B 354 -18.88 -5.51 -16.39
CA LEU B 354 -19.96 -6.53 -16.36
C LEU B 354 -19.52 -7.78 -17.15
N GLY B 355 -19.34 -8.90 -16.45
CA GLY B 355 -18.99 -10.21 -17.04
C GLY B 355 -17.50 -10.48 -17.01
N SER B 356 -16.72 -9.70 -16.27
CA SER B 356 -15.24 -9.87 -16.20
C SER B 356 -14.89 -11.25 -15.62
N TRP B 357 -14.31 -12.12 -16.44
CA TRP B 357 -13.74 -13.40 -15.94
C TRP B 357 -12.50 -13.09 -15.09
N ASP B 358 -11.72 -12.09 -15.47
CA ASP B 358 -10.50 -11.69 -14.72
C ASP B 358 -10.84 -11.47 -13.23
N ARG B 359 -11.91 -10.72 -12.97
CA ARG B 359 -12.29 -10.39 -11.58
C ARG B 359 -12.74 -11.66 -10.85
N GLY B 360 -13.45 -12.53 -11.54
CA GLY B 360 -13.81 -13.86 -11.00
C GLY B 360 -12.56 -14.61 -10.56
N MET B 361 -11.56 -14.72 -11.44
CA MET B 361 -10.30 -15.44 -11.12
C MET B 361 -9.56 -14.76 -9.96
N GLN B 362 -9.64 -13.44 -9.85
CA GLN B 362 -9.00 -12.71 -8.72
C GLN B 362 -9.59 -13.23 -7.41
N TYR B 363 -10.92 -13.44 -7.38
CA TYR B 363 -11.64 -13.90 -6.17
C TYR B 363 -11.19 -15.32 -5.83
N SER B 364 -11.32 -16.27 -6.77
CA SER B 364 -11.04 -17.68 -6.46
C SER B 364 -9.53 -17.86 -6.13
N HIS B 365 -8.65 -17.15 -6.82
CA HIS B 365 -7.18 -17.24 -6.56
C HIS B 365 -6.91 -16.75 -5.13
N SER B 366 -7.56 -15.65 -4.73
CA SER B 366 -7.42 -15.10 -3.36
C SER B 366 -7.93 -16.11 -2.35
N ILE B 367 -9.12 -16.68 -2.60
CA ILE B 367 -9.73 -17.62 -1.62
C ILE B 367 -8.82 -18.85 -1.45
N ILE B 368 -8.33 -19.40 -2.56
CA ILE B 368 -7.46 -20.61 -2.52
C ILE B 368 -6.17 -20.28 -1.78
N THR B 369 -5.53 -19.15 -2.09
CA THR B 369 -4.26 -18.75 -1.41
C THR B 369 -4.53 -18.61 0.09
N ASN B 370 -5.61 -17.93 0.46
CA ASN B 370 -5.97 -17.73 1.89
C ASN B 370 -6.14 -19.10 2.53
N LEU B 371 -6.90 -20.02 1.92
CA LEU B 371 -7.19 -21.34 2.53
C LEU B 371 -5.89 -22.13 2.67
N LEU B 372 -4.95 -21.97 1.74
CA LEU B 372 -3.67 -22.74 1.78
C LEU B 372 -2.74 -22.17 2.85
N TYR B 373 -3.03 -20.98 3.38
CA TYR B 373 -2.24 -20.36 4.48
C TYR B 373 -3.12 -20.08 5.69
N HIS B 374 -4.01 -21.03 6.01
CA HIS B 374 -4.62 -21.23 7.36
C HIS B 374 -5.85 -20.36 7.59
N VAL B 375 -6.25 -19.54 6.62
CA VAL B 375 -7.39 -18.59 6.78
C VAL B 375 -8.70 -19.39 6.84
N VAL B 376 -9.58 -19.05 7.78
CA VAL B 376 -10.81 -19.81 8.13
C VAL B 376 -12.04 -19.27 7.39
N GLY B 377 -11.90 -18.20 6.63
CA GLY B 377 -13.09 -17.62 5.96
C GLY B 377 -12.72 -16.50 5.03
N TRP B 378 -13.66 -16.10 4.18
CA TRP B 378 -13.40 -15.08 3.15
C TRP B 378 -14.70 -14.33 2.87
N THR B 379 -14.63 -13.02 3.01
CA THR B 379 -15.81 -12.13 3.05
C THR B 379 -15.64 -11.10 1.94
N ASP B 380 -16.61 -11.09 1.05
CA ASP B 380 -16.78 -10.07 0.00
C ASP B 380 -17.19 -8.76 0.65
N TRP B 381 -17.07 -7.67 -0.10
CA TRP B 381 -17.55 -6.34 0.33
C TRP B 381 -19.02 -6.22 -0.10
N ASN B 382 -19.43 -5.12 -0.74
CA ASN B 382 -20.86 -4.87 -1.05
C ASN B 382 -21.51 -6.11 -1.67
N LEU B 383 -22.64 -6.56 -1.11
CA LEU B 383 -23.44 -7.67 -1.69
C LEU B 383 -23.99 -7.30 -3.06
N ALA B 384 -24.22 -6.02 -3.31
CA ALA B 384 -24.77 -5.53 -4.59
C ALA B 384 -24.46 -4.05 -4.77
N LEU B 385 -24.22 -3.65 -6.01
CA LEU B 385 -24.01 -2.25 -6.37
C LEU B 385 -24.77 -1.99 -7.65
N ASN B 386 -24.90 -0.71 -8.01
CA ASN B 386 -25.55 -0.29 -9.27
C ASN B 386 -24.48 -0.37 -10.37
N PRO B 387 -24.84 -0.17 -11.67
CA PRO B 387 -23.86 -0.26 -12.75
C PRO B 387 -22.70 0.74 -12.70
N GLU B 388 -22.85 1.82 -11.94
CA GLU B 388 -21.77 2.84 -11.71
C GLU B 388 -20.79 2.36 -10.61
N GLY B 389 -21.17 1.32 -9.86
CA GLY B 389 -20.40 0.77 -8.72
C GLY B 389 -20.70 1.52 -7.44
N GLY B 390 -21.91 2.06 -7.33
CA GLY B 390 -22.32 2.89 -6.19
C GLY B 390 -23.69 2.45 -5.65
N PRO B 391 -24.37 3.30 -4.87
CA PRO B 391 -23.91 4.66 -4.56
C PRO B 391 -22.77 4.74 -3.52
N ASN B 392 -22.08 5.88 -3.49
CA ASN B 392 -20.87 6.13 -2.67
C ASN B 392 -20.66 7.65 -2.56
N TRP B 393 -20.69 8.19 -1.36
CA TRP B 393 -20.74 9.66 -1.13
C TRP B 393 -19.41 10.31 -1.53
N VAL B 394 -18.31 9.56 -1.65
CA VAL B 394 -17.01 10.10 -2.13
C VAL B 394 -16.68 9.55 -3.52
N ARG B 395 -17.64 8.91 -4.19
CA ARG B 395 -17.48 8.41 -5.58
C ARG B 395 -16.31 7.43 -5.65
N ASN B 396 -16.05 6.72 -4.54
CA ASN B 396 -15.11 5.57 -4.48
C ASN B 396 -15.83 4.33 -5.01
N PHE B 397 -16.19 4.33 -6.29
CA PHE B 397 -17.02 3.27 -6.89
C PHE B 397 -16.17 2.01 -7.08
N VAL B 398 -16.77 0.85 -6.89
CA VAL B 398 -16.07 -0.46 -7.06
C VAL B 398 -17.03 -1.47 -7.70
N ASP B 399 -16.55 -2.70 -7.87
CA ASP B 399 -17.32 -3.79 -8.49
C ASP B 399 -17.94 -4.66 -7.38
N SER B 400 -18.95 -5.43 -7.74
CA SER B 400 -19.67 -6.33 -6.80
C SER B 400 -20.13 -7.54 -7.59
N PRO B 401 -20.18 -8.73 -6.97
CA PRO B 401 -20.63 -9.92 -7.67
C PRO B 401 -22.07 -9.82 -8.22
N ILE B 402 -22.90 -8.93 -7.66
CA ILE B 402 -24.26 -8.68 -8.22
C ILE B 402 -24.42 -7.18 -8.48
N ILE B 403 -24.85 -6.85 -9.71
CA ILE B 403 -25.09 -5.46 -10.16
C ILE B 403 -26.59 -5.31 -10.43
N VAL B 404 -27.21 -4.30 -9.83
CA VAL B 404 -28.67 -4.05 -9.94
C VAL B 404 -28.88 -2.95 -10.98
N ASP B 405 -29.79 -3.19 -11.93
CA ASP B 405 -30.25 -2.20 -12.93
C ASP B 405 -31.70 -1.90 -12.57
N ILE B 406 -31.90 -0.81 -11.80
CA ILE B 406 -33.23 -0.35 -11.29
C ILE B 406 -34.16 -0.04 -12.48
N THR B 407 -33.64 0.55 -13.55
CA THR B 407 -34.47 0.99 -14.73
C THR B 407 -35.15 -0.23 -15.38
N LYS B 408 -34.56 -1.43 -15.26
CA LYS B 408 -35.03 -2.66 -15.94
C LYS B 408 -35.51 -3.71 -14.93
N ASP B 409 -35.53 -3.39 -13.63
CA ASP B 409 -35.88 -4.33 -12.54
C ASP B 409 -35.13 -5.66 -12.73
N THR B 410 -33.84 -5.55 -13.03
CA THR B 410 -32.94 -6.65 -13.46
C THR B 410 -31.71 -6.62 -12.56
N PHE B 411 -31.14 -7.77 -12.23
CA PHE B 411 -29.79 -7.84 -11.64
C PHE B 411 -28.94 -8.83 -12.44
N TYR B 412 -27.63 -8.58 -12.42
CA TYR B 412 -26.60 -9.32 -13.18
C TYR B 412 -25.69 -10.06 -12.19
N LYS B 413 -25.61 -11.37 -12.30
CA LYS B 413 -24.71 -12.20 -11.46
C LYS B 413 -23.43 -12.40 -12.25
N GLN B 414 -22.33 -11.88 -11.74
CA GLN B 414 -21.05 -11.78 -12.46
C GLN B 414 -20.20 -13.02 -12.18
N PRO B 415 -19.09 -13.23 -12.91
CA PRO B 415 -18.18 -14.35 -12.59
C PRO B 415 -17.75 -14.36 -11.11
N MET B 416 -17.52 -13.19 -10.50
CA MET B 416 -17.14 -13.14 -9.06
C MET B 416 -18.16 -13.94 -8.22
N PHE B 417 -19.46 -13.84 -8.53
CA PHE B 417 -20.52 -14.56 -7.78
C PHE B 417 -20.25 -16.07 -7.85
N TYR B 418 -20.04 -16.61 -9.05
CA TYR B 418 -19.83 -18.07 -9.29
C TYR B 418 -18.49 -18.53 -8.71
N HIS B 419 -17.43 -17.75 -8.90
CA HIS B 419 -16.10 -18.07 -8.33
C HIS B 419 -16.19 -18.16 -6.80
N LEU B 420 -16.89 -17.23 -6.14
CA LEU B 420 -17.12 -17.33 -4.68
C LEU B 420 -18.01 -18.56 -4.39
N GLY B 421 -19.09 -18.79 -5.15
CA GLY B 421 -20.02 -19.92 -4.93
C GLY B 421 -19.34 -21.29 -5.04
N HIS B 422 -18.25 -21.40 -5.81
CA HIS B 422 -17.45 -22.66 -5.90
C HIS B 422 -16.92 -23.05 -4.53
N PHE B 423 -16.77 -22.08 -3.62
CA PHE B 423 -16.33 -22.33 -2.23
C PHE B 423 -17.55 -22.31 -1.30
N SER B 424 -18.29 -21.21 -1.26
CA SER B 424 -19.34 -20.97 -0.24
C SER B 424 -20.36 -22.12 -0.28
N LYS B 425 -20.76 -22.56 -1.46
CA LYS B 425 -21.85 -23.56 -1.59
C LYS B 425 -21.40 -24.91 -1.02
N PHE B 426 -20.11 -25.24 -1.12
CA PHE B 426 -19.60 -26.62 -0.96
C PHE B 426 -18.68 -26.78 0.25
N ILE B 427 -18.37 -25.68 0.95
CA ILE B 427 -17.46 -25.69 2.12
C ILE B 427 -18.19 -25.07 3.31
N PRO B 428 -19.08 -25.83 3.98
CA PRO B 428 -19.82 -25.26 5.10
C PRO B 428 -18.91 -25.06 6.32
N GLU B 429 -19.42 -24.31 7.29
CA GLU B 429 -18.80 -24.13 8.63
C GLU B 429 -18.45 -25.51 9.19
N GLY B 430 -17.22 -25.67 9.67
CA GLY B 430 -16.73 -26.91 10.30
C GLY B 430 -15.92 -27.75 9.34
N SER B 431 -15.95 -27.45 8.03
CA SER B 431 -15.08 -28.10 7.02
C SER B 431 -13.63 -27.93 7.47
N GLN B 432 -12.77 -28.89 7.15
CA GLN B 432 -11.36 -28.83 7.58
C GLN B 432 -10.49 -28.92 6.33
N ARG B 433 -9.56 -28.00 6.18
CA ARG B 433 -8.57 -28.10 5.08
C ARG B 433 -7.71 -29.31 5.36
N VAL B 434 -7.43 -30.11 4.33
CA VAL B 434 -6.48 -31.25 4.43
C VAL B 434 -5.38 -31.06 3.38
N GLY B 435 -4.34 -31.89 3.47
CA GLY B 435 -3.17 -31.86 2.57
C GLY B 435 -3.56 -32.20 1.15
N LEU B 436 -2.90 -31.58 0.20
CA LEU B 436 -3.03 -31.87 -1.25
C LEU B 436 -1.70 -31.58 -1.92
N VAL B 437 -1.06 -32.60 -2.46
CA VAL B 437 0.29 -32.47 -3.07
C VAL B 437 0.14 -32.74 -4.56
N ALA B 438 1.04 -32.17 -5.35
CA ALA B 438 1.10 -32.36 -6.82
C ALA B 438 2.34 -33.18 -7.17
N SER B 439 2.20 -34.04 -8.18
CA SER B 439 3.27 -34.95 -8.69
C SER B 439 4.34 -34.13 -9.42
N GLN B 440 3.98 -32.96 -9.94
CA GLN B 440 4.92 -32.09 -10.70
C GLN B 440 4.45 -30.63 -10.59
N LYS B 441 5.36 -29.71 -10.92
CA LYS B 441 5.09 -28.26 -11.13
C LYS B 441 3.90 -28.12 -12.08
N ASN B 442 2.99 -27.18 -11.78
CA ASN B 442 1.75 -26.98 -12.57
C ASN B 442 1.27 -25.52 -12.41
N ASP B 443 0.36 -25.11 -13.27
CA ASP B 443 -0.20 -23.73 -13.30
C ASP B 443 -1.57 -23.69 -12.62
N LEU B 444 -1.96 -24.76 -11.91
CA LEU B 444 -3.29 -24.80 -11.25
C LEU B 444 -3.21 -24.30 -9.81
N ASP B 445 -4.31 -23.72 -9.34
CA ASP B 445 -4.57 -23.38 -7.92
C ASP B 445 -5.58 -24.42 -7.45
N ALA B 446 -5.24 -25.16 -6.40
CA ALA B 446 -6.10 -26.24 -5.88
C ALA B 446 -6.05 -26.27 -4.36
N VAL B 447 -7.16 -26.68 -3.76
CA VAL B 447 -7.26 -26.88 -2.29
C VAL B 447 -8.27 -28.00 -2.02
N ALA B 448 -7.97 -28.81 -1.02
CA ALA B 448 -8.78 -29.99 -0.61
C ALA B 448 -9.26 -29.73 0.81
N LEU B 449 -10.52 -30.02 1.08
CA LEU B 449 -11.11 -29.94 2.43
C LEU B 449 -11.99 -31.15 2.67
N MET B 450 -12.27 -31.44 3.93
N MET B 450 -12.25 -31.42 3.95
CA MET B 450 -13.22 -32.50 4.32
CA MET B 450 -13.20 -32.45 4.43
C MET B 450 -14.43 -31.83 5.00
C MET B 450 -14.44 -31.74 4.97
N HIS B 451 -15.61 -32.03 4.39
CA HIS B 451 -16.94 -31.63 4.89
C HIS B 451 -17.11 -32.21 6.29
N PRO B 452 -17.89 -31.58 7.20
CA PRO B 452 -18.17 -32.20 8.50
C PRO B 452 -18.70 -33.64 8.40
N ASP B 453 -19.51 -33.95 7.38
CA ASP B 453 -20.12 -35.29 7.12
C ASP B 453 -19.04 -36.28 6.65
N GLY B 454 -17.81 -35.83 6.42
CA GLY B 454 -16.64 -36.66 6.10
C GLY B 454 -16.31 -36.67 4.62
N SER B 455 -17.22 -36.19 3.77
CA SER B 455 -17.08 -36.18 2.30
C SER B 455 -15.94 -35.22 1.90
N ALA B 456 -15.35 -35.44 0.73
CA ALA B 456 -14.23 -34.62 0.18
C ALA B 456 -14.79 -33.48 -0.66
N VAL B 457 -14.08 -32.35 -0.66
CA VAL B 457 -14.32 -31.21 -1.60
C VAL B 457 -12.95 -30.72 -2.09
N VAL B 458 -12.79 -30.64 -3.41
CA VAL B 458 -11.55 -30.11 -4.03
C VAL B 458 -11.96 -29.03 -5.02
N VAL B 459 -11.37 -27.84 -4.89
CA VAL B 459 -11.57 -26.73 -5.85
C VAL B 459 -10.28 -26.63 -6.67
N VAL B 460 -10.44 -26.61 -7.99
CA VAL B 460 -9.32 -26.51 -8.96
C VAL B 460 -9.61 -25.31 -9.86
N LEU B 461 -8.74 -24.32 -9.82
CA LEU B 461 -8.81 -23.10 -10.66
C LEU B 461 -7.67 -23.15 -11.67
N ASN B 462 -7.99 -22.89 -12.93
CA ASN B 462 -7.00 -22.82 -14.05
C ASN B 462 -7.05 -21.41 -14.62
N ARG B 463 -6.05 -20.61 -14.29
CA ARG B 463 -5.96 -19.18 -14.70
C ARG B 463 -5.17 -19.07 -16.01
N SER B 464 -4.65 -20.21 -16.51
CA SER B 464 -3.93 -20.31 -17.82
C SER B 464 -4.93 -20.61 -18.94
N SER B 465 -4.50 -20.42 -20.19
CA SER B 465 -5.33 -20.68 -21.40
C SER B 465 -5.31 -22.17 -21.76
N LYS B 466 -4.42 -22.95 -21.16
CA LYS B 466 -4.10 -24.35 -21.58
C LYS B 466 -4.99 -25.32 -20.81
N ASP B 467 -5.75 -26.17 -21.50
CA ASP B 467 -6.41 -27.37 -20.91
C ASP B 467 -5.34 -28.22 -20.20
N VAL B 468 -5.62 -28.64 -18.97
CA VAL B 468 -4.68 -29.50 -18.16
C VAL B 468 -5.40 -30.78 -17.77
N PRO B 469 -5.09 -31.93 -18.42
CA PRO B 469 -5.63 -33.21 -17.98
C PRO B 469 -4.99 -33.49 -16.62
N LEU B 470 -5.80 -34.04 -15.71
N LEU B 470 -5.78 -33.97 -15.66
CA LEU B 470 -5.54 -34.13 -14.25
CA LEU B 470 -5.20 -34.35 -14.35
C LEU B 470 -6.06 -35.46 -13.71
C LEU B 470 -6.03 -35.44 -13.70
N THR B 471 -5.42 -36.03 -12.68
CA THR B 471 -5.96 -37.12 -11.87
C THR B 471 -5.96 -36.63 -10.42
N ILE B 472 -7.03 -36.90 -9.69
CA ILE B 472 -7.04 -36.70 -8.20
C ILE B 472 -7.05 -38.09 -7.56
N LYS B 473 -6.11 -38.32 -6.63
CA LYS B 473 -6.07 -39.56 -5.82
C LYS B 473 -6.59 -39.28 -4.41
N ASP B 474 -7.64 -39.99 -4.00
CA ASP B 474 -8.06 -40.11 -2.59
C ASP B 474 -7.72 -41.55 -2.18
N PRO B 475 -6.73 -41.77 -1.28
CA PRO B 475 -6.33 -43.12 -0.89
C PRO B 475 -7.47 -44.00 -0.33
N ALA B 476 -8.53 -43.37 0.16
CA ALA B 476 -9.73 -44.06 0.72
C ALA B 476 -10.62 -44.61 -0.39
N VAL B 477 -10.71 -43.97 -1.56
CA VAL B 477 -11.72 -44.36 -2.60
C VAL B 477 -11.06 -44.67 -3.94
N GLY B 478 -9.94 -44.04 -4.29
CA GLY B 478 -9.26 -44.26 -5.59
C GLY B 478 -9.09 -42.98 -6.39
N PHE B 479 -9.23 -43.07 -7.72
CA PHE B 479 -8.72 -42.06 -8.66
C PHE B 479 -9.85 -41.43 -9.47
N LEU B 480 -9.83 -40.09 -9.56
CA LEU B 480 -10.71 -39.28 -10.44
C LEU B 480 -9.89 -38.90 -11.67
N GLU B 481 -10.29 -39.37 -12.86
CA GLU B 481 -9.68 -38.92 -14.13
C GLU B 481 -10.49 -37.72 -14.64
N THR B 482 -9.87 -36.55 -14.76
CA THR B 482 -10.60 -35.33 -15.20
C THR B 482 -9.71 -34.42 -16.03
N ILE B 483 -10.25 -33.26 -16.41
CA ILE B 483 -9.49 -32.25 -17.19
C ILE B 483 -9.84 -30.89 -16.58
N SER B 484 -8.86 -30.00 -16.43
CA SER B 484 -9.09 -28.60 -16.02
C SER B 484 -8.97 -27.73 -17.25
N PRO B 485 -10.07 -27.36 -17.92
CA PRO B 485 -10.00 -26.54 -19.12
C PRO B 485 -9.36 -25.17 -18.83
N GLY B 486 -8.70 -24.57 -19.83
CA GLY B 486 -8.20 -23.19 -19.70
C GLY B 486 -9.31 -22.30 -19.16
N TYR B 487 -9.01 -21.37 -18.26
CA TYR B 487 -10.00 -20.37 -17.80
C TYR B 487 -11.25 -21.12 -17.32
N SER B 488 -11.04 -22.04 -16.38
CA SER B 488 -12.13 -22.79 -15.70
C SER B 488 -11.92 -22.74 -14.19
N ILE B 489 -13.00 -23.02 -13.47
CA ILE B 489 -12.94 -23.39 -12.03
C ILE B 489 -13.89 -24.55 -11.86
N HIS B 490 -13.42 -25.58 -11.15
CA HIS B 490 -14.18 -26.81 -10.83
C HIS B 490 -14.24 -26.99 -9.31
N THR B 491 -15.39 -27.43 -8.80
CA THR B 491 -15.48 -28.04 -7.47
C THR B 491 -15.89 -29.51 -7.63
N TYR B 492 -15.12 -30.40 -7.00
CA TYR B 492 -15.29 -31.87 -6.96
C TYR B 492 -15.75 -32.26 -5.57
N LEU B 493 -16.86 -33.01 -5.50
CA LEU B 493 -17.41 -33.63 -4.28
C LEU B 493 -17.36 -35.15 -4.44
N TRP B 494 -17.05 -35.86 -3.37
CA TRP B 494 -17.29 -37.32 -3.30
C TRP B 494 -17.39 -37.81 -1.86
N ARG B 495 -18.27 -38.78 -1.63
N ARG B 495 -18.26 -38.79 -1.66
CA ARG B 495 -18.33 -39.59 -0.39
CA ARG B 495 -18.34 -39.66 -0.46
C ARG B 495 -17.03 -40.40 -0.29
C ARG B 495 -17.01 -40.40 -0.30
N ARG B 496 -16.56 -40.62 0.94
CA ARG B 496 -15.29 -41.34 1.24
C ARG B 496 -15.55 -42.70 1.92
N GLN B 497 -16.81 -43.03 2.24
CA GLN B 497 -17.18 -44.34 2.84
C GLN B 497 -18.68 -44.61 2.66
#